data_5XOJ
#
_entry.id   5XOJ
#
_cell.length_a   101.640
_cell.length_b   107.560
_cell.length_c   149.110
_cell.angle_alpha   90.000
_cell.angle_beta   90.000
_cell.angle_gamma   90.000
#
_symmetry.space_group_name_H-M   'P 21 21 21'
#
loop_
_entity.id
_entity.type
_entity.pdbx_description
1 polymer 'GTP-binding nuclear protein'
2 polymer Exportin-1
3 polymer 'cAMP-dependent protein kinase inhibitor alpha'
4 polymer Nup42p
5 non-polymer "GUANOSINE-5'-TRIPHOSPHATE"
6 non-polymer 'MAGNESIUM ION'
7 water water
#
loop_
_entity_poly.entity_id
_entity_poly.type
_entity_poly.pdbx_seq_one_letter_code
_entity_poly.pdbx_strand_id
1 'polypeptide(L)'
;MSAPAANGEVPTFKLVLVGDGGTGKTTFVKRHLTGEFEKKYIATIGVEVHPLSFYTNFGEIKFDVWDTAGLEKFGGLRDG
YYINAQCAIIMFDVTSRITYKNVPNWHRDLVRVCENIPIVLCGNKVDVKERKVKAKTITFHRKKNLQYYDISAKSNYNFE
KPFLWLARKLAGNPQLEFVASP
;
A
2 'polypeptide(L)'
;MEGILDFSNDLDIALLDQVVSTFYQGSGVQQKQAQEILTKFQDNPDAWQKADQILQFSTNPQSKFIALSILDKLITRKWK
LLPNDHRIGIRNFVVGMIISMCQDDEVFKTQKNLINKSDLTLVQILKQEWPQNWPEFIPELIGSSSSSVNVCENNMIVLK
LLSEEVFDFSAEQMTQAKALHLKNSMSKEFEQIFKLCFQVLEQGSSSSLIVATLESLLRYLHWIPYRYIYETNILELLST
KFMTSPDTRAITLKCLTEVSNLKIPQDNDLIKRQTVLFFQNTLQQIATSVMPVTADLKATYANANGNDQSFLQDLAMFLT
TYLARNRALLESDESLRELLLNAHQYLIQLSKIEERELFKTTLDYWHNLVADLFYEPLKKHIYEEICSQLRLVIIENMVR
PEEVLVVENDEGEIVREFVKESDTIQLYKSEREVLVYLTHLNVIDTEEIMISKLARQIDGSEWSWHNINTLSWAIGSISG
TMSEDTEKRFVVTVIKDLLDLTVKKRGKDNKAVVASDIMYVVGQYPRFLKAHWNFLRTVILKLFEFMHETHEGVQDMACD
TFIKIVQKCKYHFVIQQPRESEPFIQTIIRDIQKTTADLQPQQVHTFYKACGIIISEERSVAERNRLLSDLMQLPNMAWD
TIVEQSTANPTLLLDSETVKIIANIIKTNVAVCTSMGADFYPQLGHIYYNMLQLYRAVSSMISAQVAAEGLIATKTPKVR
GLRTIKKEILKLVETYISKARNLDDVVKVLVEPLLNAVLEDYMNNVPDARDAEVLNCMTTVVEKVGHMIPQGVILILQSV
FECTLDMINKDFTEYPEHRVEFYKLLKVINEKSFAAFLELPPAAFKLFVDAICWAFKHNNRDVEVNGLQIALDLVKNIER
MGNVPFANEFHKNYFFIFVSETFFVLTDSDHKSGFSKQALLLMKLISLVYDNKISVPLYQEAEVPQGTSNQVYLSQYLAN
MLSNAFPHLTSEQIASFLSALTKQYKDLVVFKGTLRDFLVQIKEVGGDPTDYLFAEDKENALMEQNRLEREKAAKIGGLL
KPSELDD
;
C
3 'polypeptide(L)' MTDVETTYADFIASGRTGRRNAIHDILVSSASGNLNELALKLAGLDINKTEGEEDAQRSSTEQSGEAQGEAAKSES D
4 'polypeptide(L)' KPSAFGAPAFGSSAPINVNPPSTTSAFGAPSFGST E,F,G
#
loop_
_chem_comp.id
_chem_comp.type
_chem_comp.name
_chem_comp.formula
GTP non-polymer GUANOSINE-5'-TRIPHOSPHATE 'C10 H16 N5 O14 P3'
MG non-polymer 'MAGNESIUM ION' 'Mg 2'
#
# COMPACT_ATOMS: atom_id res chain seq x y z
N VAL A 10 5.08 -33.65 12.90
CA VAL A 10 5.15 -32.25 12.49
C VAL A 10 3.91 -31.84 11.70
N PRO A 11 3.19 -30.81 12.20
CA PRO A 11 1.98 -30.38 11.50
C PRO A 11 2.29 -29.54 10.26
N THR A 12 1.54 -29.81 9.21
CA THR A 12 1.62 -29.00 8.00
C THR A 12 0.30 -28.29 7.78
N PHE A 13 0.38 -26.98 7.57
CA PHE A 13 -0.82 -26.17 7.37
C PHE A 13 -0.84 -25.58 5.97
N LYS A 14 -1.97 -25.76 5.28
CA LYS A 14 -2.14 -25.18 3.97
C LYS A 14 -2.37 -23.68 4.08
N LEU A 15 -1.52 -22.91 3.42
CA LEU A 15 -1.63 -21.46 3.40
C LEU A 15 -1.88 -21.00 1.97
N VAL A 16 -3.00 -20.32 1.74
CA VAL A 16 -3.27 -19.77 0.41
C VAL A 16 -2.90 -18.29 0.38
N LEU A 17 -2.19 -17.90 -0.67
CA LEU A 17 -1.71 -16.54 -0.80
C LEU A 17 -2.36 -15.88 -2.01
N VAL A 18 -3.19 -14.88 -1.76
CA VAL A 18 -3.96 -14.24 -2.83
C VAL A 18 -3.78 -12.73 -2.85
N GLY A 19 -4.13 -12.11 -3.97
CA GLY A 19 -4.00 -10.67 -4.13
C GLY A 19 -3.74 -10.32 -5.58
N ASP A 20 -3.85 -9.03 -5.90
CA ASP A 20 -3.66 -8.56 -7.26
C ASP A 20 -2.26 -8.89 -7.78
N GLY A 21 -2.12 -8.92 -9.11
CA GLY A 21 -0.84 -9.17 -9.73
C GLY A 21 0.17 -8.08 -9.41
N GLY A 22 1.42 -8.49 -9.20
CA GLY A 22 2.49 -7.54 -8.95
C GLY A 22 2.54 -6.96 -7.55
N THR A 23 1.72 -7.51 -6.65
CA THR A 23 1.69 -7.00 -5.27
C THR A 23 2.87 -7.53 -4.45
N GLY A 24 3.51 -8.58 -4.95
CA GLY A 24 4.72 -9.09 -4.33
C GLY A 24 4.58 -10.42 -3.62
N LYS A 25 3.54 -11.18 -3.96
CA LYS A 25 3.28 -12.46 -3.31
C LYS A 25 4.42 -13.47 -3.53
N THR A 26 4.81 -13.65 -4.79
CA THR A 26 5.85 -14.62 -5.12
C THR A 26 7.24 -14.19 -4.62
N THR A 27 7.54 -12.91 -4.73
CA THR A 27 8.83 -12.39 -4.28
C THR A 27 8.92 -12.46 -2.75
N PHE A 28 7.79 -12.31 -2.09
CA PHE A 28 7.71 -12.45 -0.64
C PHE A 28 8.02 -13.88 -0.21
N VAL A 29 7.40 -14.84 -0.87
CA VAL A 29 7.61 -16.25 -0.57
C VAL A 29 9.04 -16.71 -0.86
N LYS A 30 9.53 -16.37 -2.05
CA LYS A 30 10.84 -16.84 -2.48
C LYS A 30 11.97 -16.22 -1.68
N ARG A 31 11.76 -15.01 -1.13
CA ARG A 31 12.75 -14.43 -0.25
C ARG A 31 12.76 -15.18 1.08
N HIS A 32 11.58 -15.60 1.53
CA HIS A 32 11.48 -16.43 2.73
C HIS A 32 12.16 -17.78 2.50
N LEU A 33 12.19 -18.22 1.24
CA LEU A 33 12.75 -19.52 0.89
C LEU A 33 14.26 -19.46 0.63
N THR A 34 14.70 -18.46 -0.12
CA THR A 34 16.09 -18.42 -0.60
C THR A 34 16.88 -17.25 -0.04
N GLY A 35 16.18 -16.24 0.48
CA GLY A 35 16.84 -15.05 1.00
C GLY A 35 17.05 -14.01 -0.08
N GLU A 36 16.88 -14.42 -1.33
CA GLU A 36 17.07 -13.53 -2.48
C GLU A 36 15.82 -12.71 -2.76
N PHE A 37 16.03 -11.47 -3.20
CA PHE A 37 14.93 -10.61 -3.61
C PHE A 37 14.93 -10.44 -5.13
N GLU A 38 13.86 -10.88 -5.77
CA GLU A 38 13.75 -10.78 -7.22
C GLU A 38 13.18 -9.43 -7.65
N LYS A 39 13.89 -8.76 -8.54
CA LYS A 39 13.45 -7.45 -9.04
C LYS A 39 12.43 -7.57 -10.15
N LYS A 40 12.60 -8.58 -11.00
CA LYS A 40 11.71 -8.78 -12.14
C LYS A 40 10.32 -9.20 -11.70
N TYR A 41 9.32 -8.79 -12.47
CA TYR A 41 7.95 -9.26 -12.24
C TYR A 41 7.62 -10.35 -13.23
N ILE A 42 7.68 -11.60 -12.76
CA ILE A 42 7.33 -12.74 -13.58
C ILE A 42 6.02 -13.34 -13.06
N ALA A 43 4.93 -12.98 -13.72
CA ALA A 43 3.58 -13.35 -13.27
C ALA A 43 3.41 -14.86 -13.08
N THR A 44 2.87 -15.22 -11.93
CA THR A 44 2.57 -16.62 -11.63
C THR A 44 1.42 -17.10 -12.51
N ILE A 45 1.50 -18.35 -12.94
CA ILE A 45 0.43 -18.93 -13.75
C ILE A 45 -0.31 -20.00 -12.94
N GLY A 46 -1.56 -19.71 -12.57
CA GLY A 46 -2.35 -20.61 -11.78
C GLY A 46 -1.92 -20.60 -10.32
N VAL A 47 -1.17 -21.61 -9.91
CA VAL A 47 -0.66 -21.67 -8.55
C VAL A 47 0.69 -22.39 -8.52
N GLU A 48 1.52 -22.01 -7.55
CA GLU A 48 2.72 -22.78 -7.24
C GLU A 48 2.73 -23.12 -5.75
N VAL A 49 3.00 -24.38 -5.45
CA VAL A 49 3.02 -24.84 -4.06
C VAL A 49 4.43 -24.86 -3.51
N HIS A 50 4.66 -24.14 -2.41
CA HIS A 50 5.97 -24.06 -1.80
C HIS A 50 5.95 -24.49 -0.33
N PRO A 51 6.58 -25.63 -0.03
CA PRO A 51 6.82 -25.97 1.38
C PRO A 51 7.70 -24.91 2.04
N LEU A 52 7.31 -24.45 3.23
CA LEU A 52 8.04 -23.40 3.92
C LEU A 52 8.04 -23.66 5.42
N SER A 53 9.20 -24.04 5.94
CA SER A 53 9.31 -24.39 7.35
C SER A 53 9.84 -23.23 8.19
N PHE A 54 9.30 -23.10 9.40
CA PHE A 54 9.82 -22.16 10.38
C PHE A 54 10.19 -22.91 11.65
N TYR A 55 11.43 -22.76 12.09
CA TYR A 55 11.86 -23.34 13.35
C TYR A 55 11.47 -22.42 14.49
N THR A 56 10.75 -22.96 15.46
CA THR A 56 10.24 -22.18 16.56
C THR A 56 10.81 -22.67 17.90
N ASN A 57 10.45 -21.97 18.97
CA ASN A 57 10.87 -22.36 20.31
C ASN A 57 10.08 -23.56 20.82
N PHE A 58 9.14 -24.03 20.00
CA PHE A 58 8.36 -25.23 20.31
C PHE A 58 8.47 -26.25 19.18
N GLY A 59 9.56 -26.19 18.43
CA GLY A 59 9.79 -27.11 17.34
C GLY A 59 9.44 -26.56 15.98
N GLU A 60 9.47 -27.42 14.97
CA GLU A 60 9.25 -27.02 13.59
C GLU A 60 7.76 -26.85 13.27
N ILE A 61 7.43 -25.82 12.50
CA ILE A 61 6.10 -25.68 11.95
C ILE A 61 6.23 -25.48 10.43
N LYS A 62 5.37 -26.16 9.68
CA LYS A 62 5.50 -26.17 8.22
C LYS A 62 4.27 -25.59 7.54
N PHE A 63 4.51 -24.80 6.50
CA PHE A 63 3.44 -24.25 5.68
C PHE A 63 3.52 -24.77 4.25
N ASP A 64 2.41 -25.28 3.75
CA ASP A 64 2.28 -25.52 2.32
C ASP A 64 1.68 -24.28 1.68
N VAL A 65 2.55 -23.41 1.18
CA VAL A 65 2.11 -22.13 0.62
C VAL A 65 1.63 -22.29 -0.81
N TRP A 66 0.35 -22.00 -1.02
CA TRP A 66 -0.23 -22.02 -2.36
C TRP A 66 -0.22 -20.61 -2.93
N ASP A 67 0.87 -20.27 -3.61
CA ASP A 67 1.05 -18.95 -4.21
C ASP A 67 0.24 -18.85 -5.50
N THR A 68 -0.90 -18.16 -5.43
CA THR A 68 -1.82 -18.10 -6.57
C THR A 68 -1.57 -16.91 -7.48
N ALA A 69 -2.07 -17.00 -8.70
CA ALA A 69 -1.94 -15.94 -9.69
C ALA A 69 -2.92 -14.81 -9.44
N GLY A 70 -2.44 -13.57 -9.58
CA GLY A 70 -3.28 -12.40 -9.37
C GLY A 70 -3.86 -11.86 -10.66
N LEU A 71 -3.16 -12.09 -11.77
CA LEU A 71 -3.65 -11.66 -13.07
C LEU A 71 -4.83 -12.54 -13.50
N GLU A 72 -5.85 -11.92 -14.08
CA GLU A 72 -7.08 -12.63 -14.43
C GLU A 72 -6.84 -13.68 -15.51
N LYS A 73 -5.96 -13.37 -16.46
CA LYS A 73 -5.69 -14.28 -17.57
C LYS A 73 -4.88 -15.50 -17.13
N PHE A 74 -4.31 -15.44 -15.93
CA PHE A 74 -3.52 -16.54 -15.39
C PHE A 74 -4.18 -17.16 -14.16
N GLY A 75 -5.43 -16.77 -13.90
CA GLY A 75 -6.14 -17.16 -12.69
C GLY A 75 -6.29 -18.66 -12.45
N GLY A 76 -6.37 -19.44 -13.53
CA GLY A 76 -6.48 -20.88 -13.41
C GLY A 76 -7.74 -21.33 -12.70
N LEU A 77 -7.57 -22.19 -11.70
CA LEU A 77 -8.70 -22.73 -10.93
C LEU A 77 -9.30 -21.68 -10.00
N ARG A 78 -8.54 -20.62 -9.75
CA ARG A 78 -8.95 -19.53 -8.86
C ARG A 78 -9.41 -20.03 -7.49
N ASP A 79 -10.71 -19.92 -7.20
CA ASP A 79 -11.20 -20.29 -5.87
C ASP A 79 -11.13 -21.79 -5.63
N GLY A 80 -10.85 -22.56 -6.68
CA GLY A 80 -10.62 -23.99 -6.54
C GLY A 80 -9.35 -24.28 -5.75
N TYR A 81 -8.45 -23.31 -5.71
CA TYR A 81 -7.18 -23.44 -4.99
C TYR A 81 -7.38 -23.32 -3.48
N TYR A 82 -8.54 -22.83 -3.06
CA TYR A 82 -8.74 -22.47 -1.66
C TYR A 82 -9.23 -23.64 -0.82
N ILE A 83 -9.69 -24.70 -1.47
CA ILE A 83 -10.19 -25.88 -0.77
C ILE A 83 -9.11 -26.44 0.16
N ASN A 84 -9.52 -26.77 1.38
CA ASN A 84 -8.67 -27.33 2.43
C ASN A 84 -7.66 -26.34 3.01
N ALA A 85 -7.82 -25.06 2.69
CA ALA A 85 -6.94 -24.03 3.27
C ALA A 85 -7.21 -23.88 4.76
N GLN A 86 -6.14 -23.73 5.53
CA GLN A 86 -6.25 -23.62 6.98
C GLN A 86 -5.86 -22.23 7.46
N CYS A 87 -5.30 -21.44 6.55
CA CYS A 87 -4.97 -20.05 6.81
C CYS A 87 -4.71 -19.33 5.49
N ALA A 88 -4.57 -18.02 5.53
CA ALA A 88 -4.43 -17.25 4.30
C ALA A 88 -3.76 -15.89 4.51
N ILE A 89 -3.11 -15.42 3.45
CA ILE A 89 -2.59 -14.06 3.42
C ILE A 89 -3.17 -13.32 2.22
N ILE A 90 -3.79 -12.19 2.48
CA ILE A 90 -4.26 -11.33 1.39
C ILE A 90 -3.29 -10.17 1.24
N MET A 91 -2.72 -10.05 0.05
CA MET A 91 -1.68 -9.08 -0.19
C MET A 91 -2.15 -7.94 -1.10
N PHE A 92 -1.76 -6.71 -0.78
CA PHE A 92 -1.93 -5.62 -1.73
C PHE A 92 -0.69 -4.73 -1.75
N ASP A 93 -0.68 -3.79 -2.68
CA ASP A 93 0.46 -2.91 -2.94
C ASP A 93 0.11 -1.49 -2.50
N VAL A 94 0.85 -0.95 -1.53
CA VAL A 94 0.52 0.36 -0.99
C VAL A 94 0.86 1.48 -1.97
N THR A 95 1.53 1.14 -3.07
CA THR A 95 1.82 2.10 -4.12
C THR A 95 0.72 2.11 -5.18
N SER A 96 -0.28 1.24 -5.00
CA SER A 96 -1.36 1.13 -5.97
C SER A 96 -2.73 1.00 -5.32
N ARG A 97 -3.55 2.03 -5.48
CA ARG A 97 -4.86 2.09 -4.85
C ARG A 97 -5.79 0.95 -5.30
N ILE A 98 -5.69 0.57 -6.57
CA ILE A 98 -6.61 -0.41 -7.11
C ILE A 98 -6.38 -1.80 -6.51
N THR A 99 -5.17 -2.06 -6.03
CA THR A 99 -4.87 -3.35 -5.41
C THR A 99 -5.53 -3.44 -4.04
N TYR A 100 -5.67 -2.31 -3.36
CA TYR A 100 -6.41 -2.29 -2.10
C TYR A 100 -7.91 -2.35 -2.35
N LYS A 101 -8.35 -1.72 -3.44
CA LYS A 101 -9.76 -1.72 -3.81
C LYS A 101 -10.26 -3.14 -4.11
N ASN A 102 -9.36 -3.99 -4.57
CA ASN A 102 -9.72 -5.37 -4.92
C ASN A 102 -9.62 -6.33 -3.74
N VAL A 103 -9.10 -5.85 -2.61
CA VAL A 103 -9.02 -6.67 -1.40
C VAL A 103 -10.37 -7.27 -0.98
N PRO A 104 -11.47 -6.48 -1.00
CA PRO A 104 -12.75 -7.11 -0.67
C PRO A 104 -13.15 -8.23 -1.62
N ASN A 105 -12.69 -8.16 -2.86
CA ASN A 105 -13.02 -9.19 -3.84
C ASN A 105 -12.26 -10.49 -3.57
N TRP A 106 -10.99 -10.38 -3.23
CA TRP A 106 -10.19 -11.54 -2.88
C TRP A 106 -10.73 -12.17 -1.60
N HIS A 107 -11.01 -11.34 -0.60
CA HIS A 107 -11.55 -11.80 0.66
C HIS A 107 -12.89 -12.52 0.46
N ARG A 108 -13.72 -11.97 -0.42
CA ARG A 108 -15.03 -12.55 -0.73
C ARG A 108 -14.90 -13.98 -1.24
N ASP A 109 -14.11 -14.17 -2.30
CA ASP A 109 -13.89 -15.47 -2.90
C ASP A 109 -13.26 -16.45 -1.90
N LEU A 110 -12.45 -15.91 -1.00
CA LEU A 110 -11.70 -16.72 -0.06
C LEU A 110 -12.59 -17.31 1.05
N VAL A 111 -13.41 -16.46 1.68
CA VAL A 111 -14.19 -16.90 2.83
C VAL A 111 -15.45 -17.66 2.42
N ARG A 112 -15.81 -17.58 1.15
CA ARG A 112 -16.94 -18.35 0.63
C ARG A 112 -16.56 -19.82 0.54
N VAL A 113 -15.26 -20.08 0.47
CA VAL A 113 -14.74 -21.44 0.46
C VAL A 113 -14.30 -21.85 1.88
N CYS A 114 -13.60 -20.96 2.56
CA CYS A 114 -13.12 -21.22 3.92
C CYS A 114 -13.69 -20.19 4.88
N GLU A 115 -14.73 -20.56 5.62
CA GLU A 115 -15.52 -19.56 6.33
C GLU A 115 -14.91 -19.08 7.65
N ASN A 116 -14.06 -19.90 8.27
CA ASN A 116 -13.47 -19.52 9.55
C ASN A 116 -12.01 -19.94 9.70
N ILE A 117 -11.14 -19.35 8.89
CA ILE A 117 -9.70 -19.55 9.00
C ILE A 117 -9.04 -18.22 9.35
N PRO A 118 -7.88 -18.28 10.03
CA PRO A 118 -7.14 -17.04 10.31
C PRO A 118 -6.58 -16.40 9.03
N ILE A 119 -6.83 -15.11 8.86
CA ILE A 119 -6.42 -14.40 7.64
C ILE A 119 -5.64 -13.13 7.96
N VAL A 120 -4.49 -12.97 7.32
CA VAL A 120 -3.71 -11.75 7.45
C VAL A 120 -3.79 -10.89 6.20
N LEU A 121 -4.11 -9.62 6.39
CA LEU A 121 -4.04 -8.65 5.29
C LEU A 121 -2.68 -7.96 5.34
N CYS A 122 -1.99 -7.92 4.20
CA CYS A 122 -0.67 -7.34 4.15
C CYS A 122 -0.54 -6.24 3.10
N GLY A 123 -0.17 -5.04 3.53
CA GLY A 123 0.13 -3.96 2.62
C GLY A 123 1.62 -3.95 2.35
N ASN A 124 2.00 -4.40 1.15
CA ASN A 124 3.40 -4.55 0.80
C ASN A 124 3.98 -3.28 0.18
N LYS A 125 5.31 -3.23 0.10
CA LYS A 125 6.07 -2.15 -0.55
C LYS A 125 6.01 -0.82 0.20
N VAL A 126 6.04 -0.88 1.53
CA VAL A 126 6.01 0.34 2.34
C VAL A 126 7.37 1.06 2.32
N ASP A 127 8.32 0.49 1.59
CA ASP A 127 9.65 1.07 1.45
C ASP A 127 9.67 2.17 0.38
N VAL A 128 8.70 2.12 -0.53
CA VAL A 128 8.62 3.08 -1.63
C VAL A 128 8.24 4.47 -1.10
N LYS A 129 8.85 5.50 -1.67
CA LYS A 129 8.66 6.87 -1.22
C LYS A 129 7.23 7.38 -1.45
N GLU A 130 6.76 7.29 -2.69
CA GLU A 130 5.42 7.78 -3.04
C GLU A 130 4.34 6.76 -2.68
N ARG A 131 4.01 6.67 -1.39
CA ARG A 131 2.97 5.75 -0.93
C ARG A 131 1.59 6.29 -1.29
N LYS A 132 0.78 5.45 -1.94
CA LYS A 132 -0.53 5.88 -2.42
C LYS A 132 -1.68 5.45 -1.51
N VAL A 133 -1.60 4.23 -0.97
CA VAL A 133 -2.59 3.77 -0.02
C VAL A 133 -2.14 4.14 1.39
N LYS A 134 -2.65 5.27 1.88
CA LYS A 134 -2.26 5.78 3.19
C LYS A 134 -2.74 4.87 4.32
N ALA A 135 -2.00 4.88 5.42
CA ALA A 135 -2.30 4.01 6.56
C ALA A 135 -3.69 4.27 7.14
N LYS A 136 -4.11 5.53 7.10
CA LYS A 136 -5.41 5.91 7.64
C LYS A 136 -6.56 5.30 6.83
N THR A 137 -6.27 5.00 5.56
CA THR A 137 -7.26 4.47 4.63
C THR A 137 -7.52 2.98 4.86
N ILE A 138 -6.51 2.27 5.35
CA ILE A 138 -6.56 0.82 5.47
C ILE A 138 -7.37 0.38 6.69
N THR A 139 -8.65 0.04 6.47
CA THR A 139 -9.56 -0.30 7.56
C THR A 139 -10.43 -1.53 7.28
N PHE A 140 -10.32 -2.08 6.08
CA PHE A 140 -11.20 -3.18 5.65
C PHE A 140 -11.15 -4.39 6.59
N HIS A 141 -9.98 -4.64 7.16
CA HIS A 141 -9.77 -5.83 8.00
C HIS A 141 -10.56 -5.77 9.31
N ARG A 142 -10.94 -4.58 9.73
CA ARG A 142 -11.59 -4.37 11.02
C ARG A 142 -12.88 -5.16 11.18
N LYS A 143 -13.82 -4.94 10.27
CA LYS A 143 -15.12 -5.61 10.36
C LYS A 143 -15.05 -7.08 9.95
N LYS A 144 -13.96 -7.46 9.30
CA LYS A 144 -13.80 -8.84 8.83
C LYS A 144 -12.94 -9.66 9.80
N ASN A 145 -12.49 -9.01 10.88
CA ASN A 145 -11.64 -9.64 11.89
C ASN A 145 -10.36 -10.22 11.29
N LEU A 146 -9.74 -9.49 10.36
CA LEU A 146 -8.46 -9.89 9.83
C LEU A 146 -7.33 -9.16 10.56
N GLN A 147 -6.16 -9.78 10.63
CA GLN A 147 -4.97 -9.09 11.10
C GLN A 147 -4.45 -8.23 9.97
N TYR A 148 -3.81 -7.10 10.31
CA TYR A 148 -3.13 -6.31 9.30
C TYR A 148 -1.68 -6.01 9.65
N TYR A 149 -0.82 -6.02 8.64
CA TYR A 149 0.55 -5.56 8.78
C TYR A 149 1.00 -4.76 7.56
N ASP A 150 1.69 -3.65 7.81
CA ASP A 150 2.56 -3.05 6.81
C ASP A 150 3.74 -4.01 6.63
N ILE A 151 4.05 -4.38 5.39
CA ILE A 151 5.25 -5.18 5.15
C ILE A 151 6.08 -4.65 3.98
N SER A 152 7.32 -5.11 3.91
CA SER A 152 8.17 -4.86 2.76
C SER A 152 9.07 -6.06 2.54
N ALA A 153 8.82 -6.79 1.45
CA ALA A 153 9.63 -7.95 1.11
C ALA A 153 11.02 -7.51 0.66
N LYS A 154 11.12 -6.27 0.18
CA LYS A 154 12.40 -5.77 -0.31
C LYS A 154 13.31 -5.29 0.80
N SER A 155 12.75 -4.57 1.77
CA SER A 155 13.56 -3.93 2.80
C SER A 155 13.44 -4.61 4.17
N ASN A 156 12.83 -5.80 4.19
CA ASN A 156 12.75 -6.60 5.42
C ASN A 156 12.01 -5.88 6.55
N TYR A 157 10.81 -5.39 6.27
CA TYR A 157 9.97 -4.73 7.27
C TYR A 157 8.79 -5.63 7.62
N ASN A 158 8.67 -6.00 8.90
CA ASN A 158 7.65 -6.92 9.36
C ASN A 158 7.63 -8.19 8.53
N PHE A 159 8.83 -8.66 8.18
CA PHE A 159 9.01 -9.73 7.21
C PHE A 159 8.42 -11.06 7.67
N GLU A 160 8.51 -11.33 8.97
CA GLU A 160 8.05 -12.61 9.50
C GLU A 160 6.72 -12.50 10.25
N LYS A 161 6.24 -11.28 10.44
CA LYS A 161 5.00 -11.03 11.18
C LYS A 161 3.78 -11.81 10.68
N PRO A 162 3.53 -11.85 9.36
CA PRO A 162 2.36 -12.62 8.91
C PRO A 162 2.42 -14.09 9.30
N PHE A 163 3.56 -14.73 9.09
CA PHE A 163 3.70 -16.15 9.40
C PHE A 163 3.72 -16.38 10.91
N LEU A 164 4.27 -15.44 11.65
CA LEU A 164 4.32 -15.55 13.10
C LEU A 164 2.93 -15.51 13.71
N TRP A 165 2.11 -14.56 13.26
CA TRP A 165 0.74 -14.44 13.75
C TRP A 165 -0.07 -15.67 13.40
N LEU A 166 0.06 -16.14 12.16
CA LEU A 166 -0.65 -17.34 11.71
C LEU A 166 -0.23 -18.58 12.50
N ALA A 167 1.08 -18.70 12.73
CA ALA A 167 1.62 -19.84 13.46
C ALA A 167 1.06 -19.90 14.88
N ARG A 168 0.96 -18.73 15.52
CA ARG A 168 0.43 -18.65 16.87
C ARG A 168 -1.05 -19.00 16.90
N LYS A 169 -1.79 -18.54 15.89
CA LYS A 169 -3.21 -18.84 15.76
C LYS A 169 -3.45 -20.33 15.53
N LEU A 170 -2.65 -20.93 14.66
CA LEU A 170 -2.82 -22.32 14.29
C LEU A 170 -2.34 -23.29 15.36
N ALA A 171 -1.22 -22.95 16.00
CA ALA A 171 -0.67 -23.81 17.04
C ALA A 171 -1.35 -23.55 18.38
N GLY A 172 -2.15 -22.49 18.44
CA GLY A 172 -2.82 -22.10 19.66
C GLY A 172 -1.82 -21.73 20.74
N ASN A 173 -0.72 -21.12 20.32
CA ASN A 173 0.37 -20.80 21.23
C ASN A 173 0.86 -19.36 21.04
N PRO A 174 0.40 -18.44 21.89
CA PRO A 174 0.75 -17.01 21.82
C PRO A 174 2.22 -16.73 22.15
N GLN A 175 2.93 -17.70 22.70
CA GLN A 175 4.33 -17.52 23.09
C GLN A 175 5.29 -18.01 22.02
N LEU A 176 4.74 -18.50 20.91
CA LEU A 176 5.54 -19.04 19.81
C LEU A 176 6.44 -17.97 19.22
N GLU A 177 7.73 -18.29 19.10
CA GLU A 177 8.71 -17.40 18.51
C GLU A 177 9.53 -18.13 17.45
N PHE A 178 9.90 -17.44 16.39
CA PHE A 178 10.82 -18.01 15.41
C PHE A 178 12.25 -17.85 15.92
N VAL A 179 13.05 -18.90 15.78
CA VAL A 179 14.39 -18.91 16.36
C VAL A 179 15.50 -19.05 15.32
N ASP B 10 -11.47 -36.58 -23.40
CA ASP B 10 -10.13 -37.07 -23.13
C ASP B 10 -10.10 -37.74 -21.76
N LEU B 11 -10.63 -37.06 -20.75
CA LEU B 11 -10.65 -37.60 -19.39
C LEU B 11 -12.05 -38.03 -18.97
N ASP B 12 -12.21 -39.32 -18.66
CA ASP B 12 -13.48 -39.80 -18.15
C ASP B 12 -13.54 -39.58 -16.64
N ILE B 13 -14.69 -39.88 -16.04
CA ILE B 13 -14.96 -39.58 -14.64
C ILE B 13 -13.93 -40.13 -13.65
N ALA B 14 -13.58 -41.40 -13.78
CA ALA B 14 -12.67 -42.05 -12.85
C ALA B 14 -11.28 -41.42 -12.88
N LEU B 15 -10.84 -41.04 -14.07
CA LEU B 15 -9.53 -40.43 -14.23
C LEU B 15 -9.52 -38.99 -13.71
N LEU B 16 -10.64 -38.29 -13.87
CA LEU B 16 -10.76 -36.94 -13.33
C LEU B 16 -10.67 -36.96 -11.82
N ASP B 17 -11.40 -37.88 -11.20
CA ASP B 17 -11.35 -38.07 -9.75
C ASP B 17 -9.92 -38.31 -9.29
N GLN B 18 -9.17 -39.07 -10.09
CA GLN B 18 -7.78 -39.37 -9.78
C GLN B 18 -6.89 -38.13 -9.89
N VAL B 19 -7.10 -37.34 -10.93
CA VAL B 19 -6.31 -36.12 -11.14
C VAL B 19 -6.59 -35.12 -10.03
N VAL B 20 -7.85 -34.97 -9.67
CA VAL B 20 -8.25 -34.07 -8.59
C VAL B 20 -7.61 -34.49 -7.27
N SER B 21 -7.71 -35.77 -6.95
CA SER B 21 -7.16 -36.32 -5.71
C SER B 21 -5.64 -36.12 -5.67
N THR B 22 -4.99 -36.27 -6.82
CA THR B 22 -3.55 -36.08 -6.92
C THR B 22 -3.18 -34.62 -6.68
N PHE B 23 -3.97 -33.71 -7.22
CA PHE B 23 -3.67 -32.29 -7.10
C PHE B 23 -3.81 -31.78 -5.68
N TYR B 24 -4.88 -32.17 -4.99
CA TYR B 24 -5.16 -31.63 -3.66
C TYR B 24 -4.43 -32.37 -2.54
N GLN B 25 -4.25 -33.69 -2.69
CA GLN B 25 -3.63 -34.48 -1.64
C GLN B 25 -2.21 -34.93 -1.96
N GLY B 26 -1.79 -34.76 -3.21
CA GLY B 26 -0.44 -35.14 -3.62
C GLY B 26 0.55 -34.03 -3.36
N SER B 27 1.73 -34.13 -3.97
CA SER B 27 2.77 -33.13 -3.76
C SER B 27 3.79 -33.13 -4.90
N GLY B 28 4.61 -32.08 -4.92
CA GLY B 28 5.73 -31.99 -5.84
C GLY B 28 5.39 -31.95 -7.31
N VAL B 29 6.20 -32.63 -8.11
CA VAL B 29 6.07 -32.62 -9.57
C VAL B 29 4.72 -33.17 -10.04
N GLN B 30 4.30 -34.27 -9.44
CA GLN B 30 3.05 -34.92 -9.84
C GLN B 30 1.84 -34.04 -9.54
N GLN B 31 1.89 -33.33 -8.41
CA GLN B 31 0.84 -32.38 -8.05
C GLN B 31 0.80 -31.25 -9.08
N LYS B 32 1.98 -30.80 -9.48
CA LYS B 32 2.11 -29.76 -10.49
C LYS B 32 1.56 -30.23 -11.84
N GLN B 33 1.84 -31.48 -12.17
CA GLN B 33 1.38 -32.07 -13.42
C GLN B 33 -0.14 -32.23 -13.45
N ALA B 34 -0.71 -32.58 -12.31
CA ALA B 34 -2.16 -32.73 -12.19
C ALA B 34 -2.87 -31.39 -12.34
N GLN B 35 -2.24 -30.35 -11.81
CA GLN B 35 -2.80 -29.00 -11.86
C GLN B 35 -3.00 -28.54 -13.30
N GLU B 36 -1.98 -28.77 -14.13
CA GLU B 36 -2.01 -28.31 -15.51
C GLU B 36 -3.08 -29.07 -16.30
N ILE B 37 -3.32 -30.33 -15.92
CA ILE B 37 -4.39 -31.10 -16.52
C ILE B 37 -5.74 -30.51 -16.11
N LEU B 38 -5.89 -30.20 -14.82
CA LEU B 38 -7.13 -29.63 -14.30
C LEU B 38 -7.42 -28.26 -14.91
N THR B 39 -6.39 -27.44 -15.07
CA THR B 39 -6.55 -26.10 -15.60
C THR B 39 -7.01 -26.15 -17.06
N LYS B 40 -6.43 -27.05 -17.84
CA LYS B 40 -6.84 -27.24 -19.22
C LYS B 40 -8.27 -27.76 -19.30
N PHE B 41 -8.60 -28.70 -18.43
CA PHE B 41 -9.92 -29.32 -18.39
C PHE B 41 -11.01 -28.29 -18.11
N GLN B 42 -10.78 -27.45 -17.11
CA GLN B 42 -11.77 -26.47 -16.68
C GLN B 42 -11.91 -25.32 -17.68
N ASP B 43 -10.86 -25.09 -18.46
CA ASP B 43 -10.87 -24.01 -19.45
C ASP B 43 -11.42 -24.45 -20.81
N ASN B 44 -11.62 -25.75 -20.99
CA ASN B 44 -12.21 -26.29 -22.21
C ASN B 44 -13.64 -25.78 -22.37
N PRO B 45 -13.96 -25.19 -23.54
CA PRO B 45 -15.29 -24.63 -23.82
C PRO B 45 -16.43 -25.65 -23.70
N ASP B 46 -16.15 -26.90 -24.02
CA ASP B 46 -17.17 -27.94 -24.00
C ASP B 46 -17.09 -28.81 -22.75
N ALA B 47 -16.33 -28.36 -21.76
CA ALA B 47 -16.15 -29.12 -20.53
C ALA B 47 -17.44 -29.24 -19.72
N TRP B 48 -18.37 -28.31 -19.92
CA TRP B 48 -19.59 -28.24 -19.13
C TRP B 48 -20.51 -29.44 -19.31
N GLN B 49 -20.28 -30.21 -20.37
CA GLN B 49 -21.04 -31.43 -20.63
C GLN B 49 -20.51 -32.60 -19.81
N LYS B 50 -19.27 -32.47 -19.37
CA LYS B 50 -18.70 -33.43 -18.42
C LYS B 50 -19.25 -33.16 -17.02
N ALA B 51 -19.71 -31.94 -16.79
CA ALA B 51 -20.05 -31.45 -15.46
C ALA B 51 -21.12 -32.28 -14.74
N ASP B 52 -22.30 -32.43 -15.35
CA ASP B 52 -23.40 -33.12 -14.68
C ASP B 52 -23.08 -34.59 -14.40
N GLN B 53 -22.31 -35.21 -15.28
CA GLN B 53 -21.86 -36.59 -15.06
C GLN B 53 -20.93 -36.63 -13.85
N ILE B 54 -20.02 -35.67 -13.78
CA ILE B 54 -19.16 -35.52 -12.60
C ILE B 54 -20.04 -35.33 -11.36
N LEU B 55 -20.97 -34.39 -11.43
CA LEU B 55 -21.86 -34.11 -10.32
C LEU B 55 -22.72 -35.32 -9.97
N GLN B 56 -23.01 -36.15 -10.97
CA GLN B 56 -23.80 -37.36 -10.75
C GLN B 56 -22.98 -38.52 -10.18
N PHE B 57 -21.79 -38.75 -10.73
CA PHE B 57 -21.08 -40.00 -10.50
C PHE B 57 -19.80 -39.91 -9.69
N SER B 58 -19.24 -38.71 -9.53
CA SER B 58 -17.97 -38.57 -8.83
C SER B 58 -18.05 -38.98 -7.36
N THR B 59 -16.96 -39.54 -6.85
CA THR B 59 -16.85 -39.89 -5.45
C THR B 59 -15.91 -38.90 -4.76
N ASN B 60 -15.88 -37.67 -5.30
CA ASN B 60 -14.96 -36.66 -4.82
C ASN B 60 -15.63 -35.28 -4.78
N PRO B 61 -15.82 -34.74 -3.56
CA PRO B 61 -16.42 -33.41 -3.38
C PRO B 61 -15.59 -32.30 -4.03
N GLN B 62 -14.29 -32.50 -4.13
CA GLN B 62 -13.41 -31.53 -4.77
C GLN B 62 -13.63 -31.53 -6.29
N SER B 63 -13.87 -32.71 -6.85
CA SER B 63 -14.20 -32.83 -8.27
C SER B 63 -15.51 -32.11 -8.59
N LYS B 64 -16.45 -32.16 -7.64
CA LYS B 64 -17.75 -31.52 -7.83
C LYS B 64 -17.63 -30.01 -7.70
N PHE B 65 -16.73 -29.54 -6.85
CA PHE B 65 -16.45 -28.11 -6.73
C PHE B 65 -15.97 -27.56 -8.07
N ILE B 66 -15.03 -28.27 -8.68
CA ILE B 66 -14.48 -27.88 -9.97
C ILE B 66 -15.54 -27.92 -11.07
N ALA B 67 -16.41 -28.93 -11.00
CA ALA B 67 -17.49 -29.06 -11.96
C ALA B 67 -18.43 -27.87 -11.89
N LEU B 68 -18.66 -27.36 -10.69
CA LEU B 68 -19.52 -26.19 -10.51
C LEU B 68 -18.87 -24.92 -11.03
N SER B 69 -17.55 -24.86 -10.95
CA SER B 69 -16.81 -23.72 -11.50
C SER B 69 -16.96 -23.66 -13.01
N ILE B 70 -16.86 -24.81 -13.65
CA ILE B 70 -17.07 -24.91 -15.10
C ILE B 70 -18.49 -24.49 -15.46
N LEU B 71 -19.45 -24.89 -14.62
CA LEU B 71 -20.84 -24.51 -14.80
C LEU B 71 -21.01 -23.00 -14.68
N ASP B 72 -20.34 -22.42 -13.69
CA ASP B 72 -20.41 -20.97 -13.45
C ASP B 72 -19.88 -20.19 -14.65
N LYS B 73 -18.81 -20.69 -15.25
CA LYS B 73 -18.25 -20.08 -16.45
C LYS B 73 -19.28 -20.06 -17.58
N LEU B 74 -19.98 -21.17 -17.74
CA LEU B 74 -21.01 -21.29 -18.77
C LEU B 74 -22.17 -20.34 -18.51
N ILE B 75 -22.62 -20.29 -17.26
CA ILE B 75 -23.77 -19.48 -16.88
C ILE B 75 -23.51 -17.98 -17.05
N THR B 76 -22.36 -17.51 -16.57
CA THR B 76 -22.06 -16.09 -16.60
C THR B 76 -21.72 -15.57 -17.99
N ARG B 77 -21.31 -16.47 -18.89
CA ARG B 77 -20.82 -16.05 -20.20
C ARG B 77 -21.75 -16.41 -21.37
N LYS B 78 -22.31 -17.61 -21.35
CA LYS B 78 -22.99 -18.15 -22.52
C LYS B 78 -24.38 -18.70 -22.24
N TRP B 79 -24.99 -18.26 -21.14
CA TRP B 79 -26.30 -18.74 -20.73
C TRP B 79 -27.37 -18.53 -21.80
N LYS B 80 -27.31 -17.39 -22.49
CA LYS B 80 -28.34 -17.01 -23.45
C LYS B 80 -28.19 -17.72 -24.80
N LEU B 81 -27.08 -18.42 -24.98
CA LEU B 81 -26.88 -19.23 -26.18
C LEU B 81 -27.65 -20.55 -26.07
N LEU B 82 -27.81 -21.01 -24.83
CA LEU B 82 -28.42 -22.30 -24.56
C LEU B 82 -29.92 -22.31 -24.90
N PRO B 83 -30.39 -23.43 -25.46
CA PRO B 83 -31.83 -23.64 -25.67
C PRO B 83 -32.55 -23.64 -24.33
N ASN B 84 -33.84 -23.29 -24.32
CA ASN B 84 -34.58 -23.15 -23.08
C ASN B 84 -34.73 -24.48 -22.34
N ASP B 85 -34.55 -25.58 -23.06
CA ASP B 85 -34.57 -26.90 -22.44
C ASP B 85 -33.36 -27.08 -21.53
N HIS B 86 -32.17 -26.74 -22.04
CA HIS B 86 -30.94 -26.87 -21.28
C HIS B 86 -30.94 -25.99 -20.04
N ARG B 87 -31.43 -24.76 -20.20
CA ARG B 87 -31.50 -23.81 -19.10
C ARG B 87 -32.33 -24.36 -17.94
N ILE B 88 -33.51 -24.88 -18.26
CA ILE B 88 -34.39 -25.46 -17.26
C ILE B 88 -33.76 -26.72 -16.65
N GLY B 89 -33.11 -27.51 -17.50
CA GLY B 89 -32.42 -28.71 -17.05
C GLY B 89 -31.33 -28.42 -16.04
N ILE B 90 -30.47 -27.46 -16.37
CA ILE B 90 -29.40 -27.03 -15.46
C ILE B 90 -30.01 -26.46 -14.19
N ARG B 91 -31.04 -25.64 -14.37
CA ARG B 91 -31.80 -25.05 -13.28
C ARG B 91 -32.30 -26.10 -12.30
N ASN B 92 -33.06 -27.07 -12.82
CA ASN B 92 -33.62 -28.13 -12.00
C ASN B 92 -32.54 -29.00 -11.36
N PHE B 93 -31.44 -29.23 -12.07
CA PHE B 93 -30.36 -30.06 -11.57
C PHE B 93 -29.66 -29.40 -10.37
N VAL B 94 -29.35 -28.11 -10.50
CA VAL B 94 -28.67 -27.37 -9.43
C VAL B 94 -29.54 -27.31 -8.19
N VAL B 95 -30.83 -27.00 -8.38
CA VAL B 95 -31.79 -26.95 -7.29
C VAL B 95 -31.89 -28.32 -6.60
N GLY B 96 -32.02 -29.36 -7.40
CA GLY B 96 -32.12 -30.72 -6.89
C GLY B 96 -30.87 -31.13 -6.12
N MET B 97 -29.71 -30.77 -6.66
CA MET B 97 -28.44 -31.08 -6.02
C MET B 97 -28.32 -30.43 -4.65
N ILE B 98 -28.72 -29.16 -4.56
CA ILE B 98 -28.70 -28.43 -3.31
C ILE B 98 -29.58 -29.09 -2.26
N ILE B 99 -30.80 -29.47 -2.65
CA ILE B 99 -31.74 -30.09 -1.74
C ILE B 99 -31.24 -31.44 -1.21
N SER B 100 -30.62 -32.22 -2.07
CA SER B 100 -30.06 -33.51 -1.69
C SER B 100 -29.03 -33.36 -0.57
N MET B 101 -28.12 -32.40 -0.73
CA MET B 101 -27.06 -32.17 0.24
C MET B 101 -27.59 -31.64 1.56
N CYS B 102 -28.75 -31.00 1.51
CA CYS B 102 -29.38 -30.46 2.72
C CYS B 102 -30.06 -31.55 3.53
N GLN B 103 -30.65 -32.52 2.83
CA GLN B 103 -31.32 -33.63 3.51
C GLN B 103 -30.31 -34.67 3.98
N ASP B 104 -29.11 -34.62 3.39
CA ASP B 104 -28.00 -35.45 3.85
C ASP B 104 -27.30 -34.73 5.00
N ASP B 105 -27.49 -35.23 6.21
CA ASP B 105 -27.05 -34.53 7.41
C ASP B 105 -25.53 -34.53 7.57
N GLU B 106 -24.88 -35.63 7.17
CA GLU B 106 -23.43 -35.71 7.24
C GLU B 106 -22.79 -34.74 6.26
N VAL B 107 -23.34 -34.69 5.05
CA VAL B 107 -22.85 -33.78 4.02
C VAL B 107 -23.13 -32.34 4.40
N PHE B 108 -24.31 -32.08 4.95
CA PHE B 108 -24.67 -30.73 5.37
C PHE B 108 -23.71 -30.20 6.43
N LYS B 109 -23.22 -31.09 7.28
CA LYS B 109 -22.33 -30.69 8.36
C LYS B 109 -20.88 -30.56 7.90
N THR B 110 -20.45 -31.46 7.02
CA THR B 110 -19.02 -31.60 6.72
C THR B 110 -18.59 -31.14 5.32
N GLN B 111 -19.53 -30.70 4.49
CA GLN B 111 -19.18 -30.25 3.15
C GLN B 111 -19.78 -28.87 2.86
N LYS B 112 -19.62 -27.95 3.79
CA LYS B 112 -20.20 -26.61 3.68
C LYS B 112 -19.70 -25.87 2.45
N ASN B 113 -18.44 -26.07 2.09
CA ASN B 113 -17.84 -25.37 0.96
C ASN B 113 -18.48 -25.77 -0.37
N LEU B 114 -18.92 -27.02 -0.47
CA LEU B 114 -19.55 -27.51 -1.68
C LEU B 114 -20.98 -26.99 -1.78
N ILE B 115 -21.67 -26.91 -0.64
CA ILE B 115 -23.03 -26.41 -0.60
C ILE B 115 -23.05 -24.91 -0.87
N ASN B 116 -22.09 -24.19 -0.31
CA ASN B 116 -21.94 -22.76 -0.58
C ASN B 116 -21.65 -22.50 -2.05
N LYS B 117 -20.80 -23.35 -2.63
CA LYS B 117 -20.46 -23.27 -4.05
C LYS B 117 -21.70 -23.52 -4.91
N SER B 118 -22.52 -24.49 -4.50
CA SER B 118 -23.75 -24.80 -5.20
C SER B 118 -24.76 -23.66 -5.11
N ASP B 119 -24.85 -23.06 -3.92
CA ASP B 119 -25.75 -21.93 -3.70
C ASP B 119 -25.35 -20.75 -4.56
N LEU B 120 -24.04 -20.51 -4.65
CA LEU B 120 -23.51 -19.42 -5.46
C LEU B 120 -23.84 -19.65 -6.94
N THR B 121 -23.79 -20.91 -7.36
CA THR B 121 -24.10 -21.28 -8.73
C THR B 121 -25.56 -20.98 -9.06
N LEU B 122 -26.45 -21.28 -8.11
CA LEU B 122 -27.87 -20.98 -8.26
C LEU B 122 -28.10 -19.48 -8.36
N VAL B 123 -27.34 -18.70 -7.57
CA VAL B 123 -27.45 -17.25 -7.59
C VAL B 123 -27.00 -16.70 -8.96
N GLN B 124 -26.01 -17.34 -9.55
CA GLN B 124 -25.58 -16.98 -10.90
C GLN B 124 -26.72 -17.15 -11.90
N ILE B 125 -27.50 -18.22 -11.72
CA ILE B 125 -28.66 -18.47 -12.57
C ILE B 125 -29.72 -17.41 -12.33
N LEU B 126 -29.91 -17.04 -11.07
CA LEU B 126 -30.89 -16.02 -10.69
C LEU B 126 -30.55 -14.69 -11.35
N LYS B 127 -29.27 -14.40 -11.49
CA LYS B 127 -28.82 -13.16 -12.12
C LYS B 127 -29.24 -13.14 -13.59
N GLN B 128 -29.37 -14.31 -14.19
CA GLN B 128 -29.77 -14.43 -15.58
C GLN B 128 -31.29 -14.49 -15.76
N GLU B 129 -31.95 -15.24 -14.88
CA GLU B 129 -33.34 -15.62 -15.08
C GLU B 129 -34.36 -14.86 -14.22
N TRP B 130 -33.91 -14.32 -13.10
CA TRP B 130 -34.83 -13.82 -12.07
C TRP B 130 -34.99 -12.30 -12.10
N PRO B 131 -36.24 -11.82 -11.92
CA PRO B 131 -37.45 -12.63 -11.76
C PRO B 131 -38.25 -12.83 -13.04
N GLN B 132 -37.78 -12.27 -14.15
CA GLN B 132 -38.55 -12.25 -15.39
C GLN B 132 -38.82 -13.65 -15.97
N ASN B 133 -37.97 -14.61 -15.65
CA ASN B 133 -38.17 -15.98 -16.11
C ASN B 133 -38.27 -16.97 -14.95
N TRP B 134 -38.46 -16.43 -13.75
CA TRP B 134 -38.61 -17.25 -12.56
C TRP B 134 -39.31 -16.46 -11.45
N PRO B 135 -40.55 -16.01 -11.71
CA PRO B 135 -41.22 -15.08 -10.80
C PRO B 135 -41.61 -15.70 -9.46
N GLU B 136 -41.66 -17.03 -9.40
CA GLU B 136 -42.10 -17.71 -8.19
C GLU B 136 -40.94 -18.23 -7.34
N PHE B 137 -39.71 -17.83 -7.67
CA PHE B 137 -38.55 -18.33 -6.94
C PHE B 137 -38.61 -18.02 -5.46
N ILE B 138 -38.80 -16.75 -5.11
CA ILE B 138 -38.86 -16.35 -3.71
C ILE B 138 -40.04 -17.04 -2.97
N PRO B 139 -41.25 -17.07 -3.56
CA PRO B 139 -42.29 -17.86 -2.89
C PRO B 139 -41.96 -19.34 -2.78
N GLU B 140 -41.34 -19.91 -3.82
CA GLU B 140 -40.94 -21.32 -3.80
C GLU B 140 -39.84 -21.55 -2.76
N LEU B 141 -39.02 -20.52 -2.51
CA LEU B 141 -37.95 -20.62 -1.53
C LEU B 141 -38.49 -20.62 -0.10
N ILE B 142 -39.46 -19.74 0.14
CA ILE B 142 -40.01 -19.52 1.47
C ILE B 142 -40.75 -20.74 2.03
N GLY B 143 -41.52 -21.40 1.18
CA GLY B 143 -42.31 -22.55 1.58
C GLY B 143 -41.48 -23.82 1.71
N SER B 144 -40.39 -23.89 0.95
CA SER B 144 -39.47 -25.01 1.01
C SER B 144 -38.70 -25.00 2.33
N SER B 145 -38.65 -23.82 2.96
CA SER B 145 -37.97 -23.66 4.23
C SER B 145 -38.69 -24.40 5.35
N SER B 146 -39.99 -24.59 5.21
CA SER B 146 -40.78 -25.24 6.25
C SER B 146 -40.76 -26.75 6.12
N SER B 147 -40.16 -27.25 5.04
CA SER B 147 -40.11 -28.69 4.80
C SER B 147 -38.96 -29.36 5.56
N SER B 148 -37.91 -28.58 5.83
CA SER B 148 -36.73 -29.11 6.51
C SER B 148 -35.91 -27.99 7.15
N VAL B 149 -35.43 -28.24 8.36
CA VAL B 149 -34.66 -27.23 9.09
C VAL B 149 -33.33 -26.95 8.41
N ASN B 150 -32.83 -27.93 7.66
CA ASN B 150 -31.58 -27.77 6.93
C ASN B 150 -31.75 -26.96 5.65
N VAL B 151 -32.86 -27.21 4.95
CA VAL B 151 -33.19 -26.44 3.75
C VAL B 151 -33.46 -24.99 4.14
N CYS B 152 -34.08 -24.81 5.30
CA CYS B 152 -34.38 -23.48 5.83
C CYS B 152 -33.09 -22.71 6.11
N GLU B 153 -32.12 -23.40 6.70
CA GLU B 153 -30.83 -22.78 7.00
C GLU B 153 -30.09 -22.43 5.72
N ASN B 154 -30.07 -23.34 4.76
CA ASN B 154 -29.38 -23.11 3.49
C ASN B 154 -30.05 -22.02 2.67
N ASN B 155 -31.36 -21.89 2.82
CA ASN B 155 -32.11 -20.83 2.16
C ASN B 155 -31.64 -19.45 2.62
N MET B 156 -31.22 -19.36 3.88
CA MET B 156 -30.67 -18.12 4.42
C MET B 156 -29.33 -17.80 3.76
N ILE B 157 -28.56 -18.85 3.45
CA ILE B 157 -27.29 -18.68 2.77
C ILE B 157 -27.51 -18.20 1.34
N VAL B 158 -28.49 -18.81 0.67
CA VAL B 158 -28.85 -18.42 -0.69
C VAL B 158 -29.28 -16.96 -0.76
N LEU B 159 -30.16 -16.57 0.16
CA LEU B 159 -30.65 -15.20 0.22
C LEU B 159 -29.52 -14.23 0.56
N LYS B 160 -28.57 -14.67 1.38
CA LYS B 160 -27.42 -13.85 1.73
C LYS B 160 -26.54 -13.59 0.51
N LEU B 161 -26.22 -14.65 -0.22
CA LEU B 161 -25.39 -14.55 -1.41
C LEU B 161 -26.08 -13.70 -2.48
N LEU B 162 -27.39 -13.84 -2.59
CA LEU B 162 -28.17 -13.06 -3.55
C LEU B 162 -28.03 -11.57 -3.29
N SER B 163 -28.17 -11.17 -2.02
CA SER B 163 -28.06 -9.78 -1.64
C SER B 163 -26.67 -9.23 -1.92
N GLU B 164 -25.64 -10.04 -1.62
CA GLU B 164 -24.26 -9.64 -1.85
C GLU B 164 -23.97 -9.41 -3.33
N GLU B 165 -24.41 -10.35 -4.17
CA GLU B 165 -24.18 -10.26 -5.60
C GLU B 165 -24.93 -9.11 -6.26
N VAL B 166 -26.08 -8.76 -5.69
CA VAL B 166 -26.90 -7.68 -6.26
C VAL B 166 -26.49 -6.30 -5.74
N PHE B 167 -26.19 -6.21 -4.44
CA PHE B 167 -25.93 -4.90 -3.83
C PHE B 167 -24.46 -4.65 -3.50
N ASP B 168 -23.74 -5.68 -3.08
CA ASP B 168 -22.37 -5.49 -2.60
C ASP B 168 -21.31 -5.59 -3.70
N PHE B 169 -21.50 -6.52 -4.64
CA PHE B 169 -20.48 -6.78 -5.64
C PHE B 169 -20.98 -6.68 -7.08
N SER B 170 -22.08 -5.95 -7.29
CA SER B 170 -22.65 -5.82 -8.62
C SER B 170 -21.95 -4.75 -9.45
N ALA B 171 -21.42 -3.73 -8.78
CA ALA B 171 -20.68 -2.68 -9.47
C ALA B 171 -19.55 -3.27 -10.29
N GLU B 172 -19.48 -2.87 -11.55
CA GLU B 172 -18.46 -3.32 -12.50
C GLU B 172 -18.59 -4.78 -12.91
N GLN B 173 -19.40 -5.55 -12.20
CA GLN B 173 -19.65 -6.94 -12.58
C GLN B 173 -20.89 -7.03 -13.47
N MET B 174 -21.82 -6.11 -13.26
CA MET B 174 -23.01 -6.00 -14.11
C MET B 174 -23.04 -4.63 -14.77
N THR B 175 -23.84 -4.50 -15.82
CA THR B 175 -24.15 -3.19 -16.37
C THR B 175 -24.98 -2.45 -15.33
N GLN B 176 -24.92 -1.11 -15.35
CA GLN B 176 -25.69 -0.29 -14.43
C GLN B 176 -27.18 -0.60 -14.51
N ALA B 177 -27.66 -0.86 -15.73
CA ALA B 177 -29.07 -1.13 -15.96
C ALA B 177 -29.51 -2.45 -15.33
N LYS B 178 -28.72 -3.50 -15.55
CA LYS B 178 -29.00 -4.81 -14.98
C LYS B 178 -28.95 -4.77 -13.46
N ALA B 179 -27.97 -4.06 -12.92
CA ALA B 179 -27.82 -3.91 -11.48
C ALA B 179 -29.05 -3.25 -10.88
N LEU B 180 -29.52 -2.17 -11.51
CA LEU B 180 -30.72 -1.48 -11.07
C LEU B 180 -31.93 -2.41 -11.13
N HIS B 181 -32.04 -3.17 -12.20
CA HIS B 181 -33.13 -4.12 -12.40
C HIS B 181 -33.22 -5.13 -11.26
N LEU B 182 -32.07 -5.68 -10.88
CA LEU B 182 -32.03 -6.68 -9.82
C LEU B 182 -32.27 -6.08 -8.44
N LYS B 183 -31.74 -4.88 -8.21
CA LYS B 183 -31.96 -4.18 -6.96
C LYS B 183 -33.43 -3.86 -6.74
N ASN B 184 -34.09 -3.34 -7.78
CA ASN B 184 -35.51 -3.06 -7.72
C ASN B 184 -36.33 -4.34 -7.57
N SER B 185 -35.85 -5.43 -8.17
CA SER B 185 -36.52 -6.72 -8.06
C SER B 185 -36.49 -7.23 -6.63
N MET B 186 -35.33 -7.15 -5.98
CA MET B 186 -35.19 -7.59 -4.60
C MET B 186 -35.94 -6.66 -3.65
N SER B 187 -36.01 -5.39 -4.02
CA SER B 187 -36.72 -4.41 -3.21
C SER B 187 -38.22 -4.69 -3.17
N LYS B 188 -38.76 -5.13 -4.30
CA LYS B 188 -40.18 -5.39 -4.44
C LYS B 188 -40.63 -6.65 -3.68
N GLU B 189 -39.72 -7.59 -3.52
CA GLU B 189 -40.06 -8.86 -2.88
C GLU B 189 -39.44 -9.03 -1.50
N PHE B 190 -38.78 -7.99 -0.98
CA PHE B 190 -38.12 -8.12 0.31
C PHE B 190 -39.12 -8.22 1.47
N GLU B 191 -40.35 -7.78 1.23
CA GLU B 191 -41.39 -7.82 2.26
C GLU B 191 -41.58 -9.23 2.81
N GLN B 192 -41.65 -10.21 1.91
CA GLN B 192 -41.85 -11.59 2.33
C GLN B 192 -40.55 -12.25 2.76
N ILE B 193 -39.42 -11.72 2.28
CA ILE B 193 -38.12 -12.19 2.74
C ILE B 193 -37.92 -11.79 4.20
N PHE B 194 -38.26 -10.55 4.52
CA PHE B 194 -38.17 -10.04 5.87
C PHE B 194 -39.08 -10.81 6.83
N LYS B 195 -40.28 -11.13 6.34
CA LYS B 195 -41.25 -11.87 7.15
C LYS B 195 -40.69 -13.23 7.56
N LEU B 196 -40.04 -13.91 6.61
CA LEU B 196 -39.40 -15.19 6.89
C LEU B 196 -38.24 -15.02 7.87
N CYS B 197 -37.43 -13.99 7.64
CA CYS B 197 -36.28 -13.72 8.48
C CYS B 197 -36.69 -13.43 9.91
N PHE B 198 -37.65 -12.52 10.07
CA PHE B 198 -38.15 -12.13 11.39
C PHE B 198 -38.77 -13.33 12.12
N GLN B 199 -39.57 -14.10 11.40
CA GLN B 199 -40.25 -15.26 11.95
C GLN B 199 -39.25 -16.29 12.51
N VAL B 200 -38.21 -16.56 11.74
CA VAL B 200 -37.17 -17.49 12.17
C VAL B 200 -36.44 -16.97 13.41
N LEU B 201 -36.17 -15.67 13.43
CA LEU B 201 -35.44 -15.06 14.54
C LEU B 201 -36.16 -15.19 15.87
N GLU B 202 -37.47 -14.99 15.88
CA GLU B 202 -38.23 -15.00 17.13
C GLU B 202 -38.73 -16.40 17.51
N GLN B 203 -38.86 -17.29 16.52
CA GLN B 203 -39.33 -18.64 16.78
C GLN B 203 -38.16 -19.63 16.90
N GLY B 204 -37.13 -19.41 16.09
CA GLY B 204 -36.03 -20.34 15.91
C GLY B 204 -35.41 -20.95 17.15
N SER B 205 -35.20 -22.27 17.08
CA SER B 205 -34.47 -22.95 18.14
C SER B 205 -32.99 -23.14 17.76
N SER B 206 -32.76 -23.66 16.56
CA SER B 206 -31.41 -24.06 16.12
C SER B 206 -30.40 -22.90 16.03
N SER B 207 -29.28 -23.04 16.75
CA SER B 207 -28.23 -22.02 16.76
C SER B 207 -27.73 -21.73 15.34
N SER B 208 -27.39 -22.79 14.60
CA SER B 208 -26.86 -22.65 13.26
C SER B 208 -27.86 -22.02 12.29
N LEU B 209 -29.14 -22.25 12.52
CA LEU B 209 -30.19 -21.63 11.72
C LEU B 209 -30.27 -20.14 12.00
N ILE B 210 -30.24 -19.80 13.29
CA ILE B 210 -30.37 -18.41 13.72
C ILE B 210 -29.12 -17.60 13.33
N VAL B 211 -27.96 -18.22 13.48
CA VAL B 211 -26.72 -17.59 13.05
C VAL B 211 -26.80 -17.26 11.56
N ALA B 212 -27.15 -18.26 10.75
CA ALA B 212 -27.28 -18.09 9.31
C ALA B 212 -28.28 -16.99 8.96
N THR B 213 -29.37 -16.92 9.71
CA THR B 213 -30.38 -15.89 9.52
C THR B 213 -29.80 -14.50 9.80
N LEU B 214 -29.03 -14.40 10.88
CA LEU B 214 -28.40 -13.14 11.26
C LEU B 214 -27.32 -12.72 10.27
N GLU B 215 -26.62 -13.71 9.69
CA GLU B 215 -25.62 -13.43 8.67
C GLU B 215 -26.27 -12.79 7.45
N SER B 216 -27.46 -13.27 7.09
CA SER B 216 -28.17 -12.72 5.93
C SER B 216 -28.70 -11.32 6.22
N LEU B 217 -29.22 -11.12 7.43
CA LEU B 217 -29.73 -9.82 7.85
C LEU B 217 -28.64 -8.76 7.83
N LEU B 218 -27.42 -9.17 8.20
CA LEU B 218 -26.28 -8.27 8.17
C LEU B 218 -26.07 -7.66 6.79
N ARG B 219 -26.31 -8.46 5.76
CA ARG B 219 -26.16 -7.99 4.38
C ARG B 219 -27.34 -7.15 3.94
N TYR B 220 -28.54 -7.51 4.38
CA TYR B 220 -29.75 -6.75 4.06
C TYR B 220 -29.65 -5.33 4.57
N LEU B 221 -29.11 -5.19 5.78
CA LEU B 221 -29.02 -3.90 6.46
C LEU B 221 -28.21 -2.88 5.66
N HIS B 222 -27.40 -3.37 4.74
CA HIS B 222 -26.62 -2.50 3.86
C HIS B 222 -27.50 -1.61 2.99
N TRP B 223 -28.72 -2.06 2.70
CA TRP B 223 -29.52 -1.41 1.66
C TRP B 223 -31.03 -1.27 1.92
N ILE B 224 -31.57 -2.02 2.87
CA ILE B 224 -33.02 -2.02 3.07
C ILE B 224 -33.52 -0.70 3.64
N PRO B 225 -34.75 -0.31 3.27
CA PRO B 225 -35.42 0.89 3.80
C PRO B 225 -35.46 0.89 5.33
N TYR B 226 -35.35 2.06 5.94
CA TYR B 226 -35.27 2.20 7.40
C TYR B 226 -36.47 1.57 8.11
N ARG B 227 -37.62 1.60 7.44
CA ARG B 227 -38.86 1.24 8.08
C ARG B 227 -38.88 -0.23 8.48
N TYR B 228 -38.11 -1.06 7.76
CA TYR B 228 -37.98 -2.45 8.13
C TYR B 228 -37.20 -2.60 9.42
N ILE B 229 -36.38 -1.60 9.72
CA ILE B 229 -35.52 -1.63 10.91
C ILE B 229 -36.17 -0.95 12.10
N TYR B 230 -36.82 0.20 11.86
CA TYR B 230 -37.33 1.02 12.94
C TYR B 230 -38.85 0.93 13.15
N GLU B 231 -39.58 0.46 12.15
CA GLU B 231 -41.04 0.39 12.26
C GLU B 231 -41.54 -1.04 12.45
N THR B 232 -40.58 -1.96 12.43
CA THR B 232 -40.80 -3.26 13.01
C THR B 232 -40.17 -3.16 14.40
N ASN B 233 -40.07 -4.29 15.10
CA ASN B 233 -39.41 -4.32 16.41
C ASN B 233 -38.28 -5.34 16.41
N ILE B 234 -37.61 -5.45 15.26
CA ILE B 234 -36.46 -6.30 15.08
C ILE B 234 -35.29 -5.76 15.88
N LEU B 235 -35.24 -4.44 16.06
CA LEU B 235 -34.18 -3.81 16.83
C LEU B 235 -34.22 -4.26 18.28
N GLU B 236 -35.42 -4.32 18.84
CA GLU B 236 -35.60 -4.76 20.21
C GLU B 236 -35.29 -6.24 20.35
N LEU B 237 -35.65 -7.02 19.33
CA LEU B 237 -35.41 -8.45 19.35
C LEU B 237 -33.91 -8.74 19.26
N LEU B 238 -33.21 -8.01 18.39
CA LEU B 238 -31.76 -8.15 18.25
C LEU B 238 -31.03 -7.82 19.54
N SER B 239 -31.40 -6.68 20.14
CA SER B 239 -30.64 -6.13 21.27
C SER B 239 -30.96 -6.81 22.60
N THR B 240 -31.99 -7.65 22.63
CA THR B 240 -32.36 -8.32 23.88
C THR B 240 -32.14 -9.83 23.86
N LYS B 241 -32.58 -10.49 22.80
CA LYS B 241 -32.61 -11.95 22.76
C LYS B 241 -31.29 -12.61 22.39
N PHE B 242 -30.55 -11.98 21.47
CA PHE B 242 -29.41 -12.65 20.85
C PHE B 242 -28.05 -12.27 21.45
N MET B 243 -28.07 -11.44 22.49
CA MET B 243 -26.84 -11.08 23.18
C MET B 243 -26.60 -12.01 24.37
N THR B 244 -27.66 -12.60 24.89
CA THR B 244 -27.54 -13.55 26.00
C THR B 244 -26.94 -14.87 25.49
N SER B 245 -27.04 -15.09 24.19
CA SER B 245 -26.57 -16.32 23.57
C SER B 245 -25.15 -16.18 23.03
N PRO B 246 -24.24 -17.08 23.45
CA PRO B 246 -22.82 -17.09 23.11
C PRO B 246 -22.52 -17.26 21.61
N ASP B 247 -23.38 -17.96 20.88
CA ASP B 247 -23.11 -18.24 19.47
C ASP B 247 -23.60 -17.13 18.55
N THR B 248 -24.42 -16.24 19.08
CA THR B 248 -25.04 -15.21 18.25
C THR B 248 -24.60 -13.79 18.62
N ARG B 249 -23.78 -13.68 19.66
CA ARG B 249 -23.34 -12.38 20.17
C ARG B 249 -22.61 -11.53 19.15
N ALA B 250 -21.55 -12.08 18.57
CA ALA B 250 -20.70 -11.32 17.65
C ALA B 250 -21.47 -10.88 16.41
N ILE B 251 -22.19 -11.81 15.79
CA ILE B 251 -22.93 -11.50 14.56
C ILE B 251 -24.06 -10.50 14.83
N THR B 252 -24.61 -10.53 16.04
CA THR B 252 -25.65 -9.57 16.41
C THR B 252 -25.06 -8.17 16.57
N LEU B 253 -23.89 -8.09 17.19
CA LEU B 253 -23.18 -6.82 17.32
C LEU B 253 -22.87 -6.24 15.95
N LYS B 254 -22.53 -7.10 15.00
CA LYS B 254 -22.24 -6.68 13.63
C LYS B 254 -23.47 -6.08 12.96
N CYS B 255 -24.63 -6.70 13.17
CA CYS B 255 -25.88 -6.19 12.64
C CYS B 255 -26.20 -4.81 13.23
N LEU B 256 -26.03 -4.69 14.54
CA LEU B 256 -26.34 -3.44 15.24
C LEU B 256 -25.36 -2.35 14.86
N THR B 257 -24.14 -2.75 14.50
CA THR B 257 -23.12 -1.80 14.04
C THR B 257 -23.54 -1.19 12.71
N GLU B 258 -24.09 -2.01 11.82
CA GLU B 258 -24.58 -1.53 10.54
C GLU B 258 -25.81 -0.67 10.73
N VAL B 259 -26.64 -1.02 11.71
CA VAL B 259 -27.80 -0.22 12.07
C VAL B 259 -27.36 1.18 12.52
N SER B 260 -26.25 1.24 13.25
CA SER B 260 -25.70 2.50 13.74
C SER B 260 -25.09 3.34 12.63
N ASN B 261 -25.20 2.81 11.41
CA ASN B 261 -24.76 3.52 10.22
C ASN B 261 -25.85 3.68 9.17
N LEU B 262 -27.06 3.21 9.47
CA LEU B 262 -28.24 3.51 8.67
C LEU B 262 -28.36 5.00 8.38
N GLN B 266 -31.82 12.73 11.60
CA GLN B 266 -33.22 13.01 11.20
C GLN B 266 -33.88 13.97 12.17
N ASP B 267 -35.13 14.31 11.85
CA ASP B 267 -35.92 15.22 12.67
C ASP B 267 -37.00 14.43 13.41
N ASN B 268 -36.63 13.25 13.87
CA ASN B 268 -37.59 12.25 14.32
C ASN B 268 -37.33 11.76 15.74
N ASP B 269 -38.22 12.15 16.67
CA ASP B 269 -38.07 11.78 18.07
C ASP B 269 -38.38 10.30 18.35
N LEU B 270 -39.08 9.64 17.43
CA LEU B 270 -39.35 8.22 17.60
C LEU B 270 -38.12 7.40 17.29
N ILE B 271 -37.47 7.73 16.18
CA ILE B 271 -36.28 7.01 15.73
C ILE B 271 -35.12 7.27 16.69
N LYS B 272 -35.11 8.46 17.29
CA LYS B 272 -34.12 8.81 18.30
C LYS B 272 -34.21 7.90 19.51
N ARG B 273 -35.41 7.76 20.06
CA ARG B 273 -35.61 6.94 21.25
C ARG B 273 -35.38 5.45 20.98
N GLN B 274 -35.51 5.04 19.71
CA GLN B 274 -35.26 3.65 19.32
C GLN B 274 -33.75 3.42 19.15
N THR B 275 -33.07 4.47 18.71
CA THR B 275 -31.61 4.43 18.59
C THR B 275 -30.98 4.33 19.97
N VAL B 276 -31.56 5.06 20.92
CA VAL B 276 -31.13 4.99 22.30
C VAL B 276 -31.46 3.62 22.89
N LEU B 277 -32.65 3.12 22.58
CA LEU B 277 -33.15 1.88 23.18
C LEU B 277 -32.30 0.65 22.86
N PHE B 278 -31.92 0.47 21.60
CA PHE B 278 -31.19 -0.74 21.25
C PHE B 278 -29.77 -0.69 21.80
N PHE B 279 -29.23 0.52 21.97
CA PHE B 279 -27.94 0.69 22.62
C PHE B 279 -28.05 0.37 24.11
N GLN B 280 -29.14 0.84 24.72
CA GLN B 280 -29.40 0.61 26.14
C GLN B 280 -29.57 -0.89 26.42
N ASN B 281 -30.36 -1.56 25.58
CA ASN B 281 -30.59 -3.00 25.72
C ASN B 281 -29.30 -3.80 25.55
N THR B 282 -28.52 -3.45 24.52
CA THR B 282 -27.29 -4.17 24.22
C THR B 282 -26.29 -4.06 25.36
N LEU B 283 -26.11 -2.85 25.87
CA LEU B 283 -25.17 -2.60 26.96
C LEU B 283 -25.62 -3.28 28.25
N GLN B 284 -26.91 -3.16 28.55
CA GLN B 284 -27.50 -3.80 29.73
C GLN B 284 -27.30 -5.31 29.66
N GLN B 285 -27.55 -5.88 28.49
CA GLN B 285 -27.45 -7.32 28.29
C GLN B 285 -26.01 -7.81 28.45
N ILE B 286 -25.07 -7.00 27.98
CA ILE B 286 -23.66 -7.35 28.08
C ILE B 286 -23.20 -7.37 29.54
N ALA B 287 -23.57 -6.34 30.30
CA ALA B 287 -23.23 -6.26 31.71
C ALA B 287 -23.86 -7.40 32.51
N THR B 288 -25.07 -7.78 32.12
CA THR B 288 -25.83 -8.80 32.84
C THR B 288 -25.37 -10.22 32.52
N SER B 289 -25.22 -10.53 31.23
CA SER B 289 -25.06 -11.90 30.79
C SER B 289 -23.67 -12.24 30.26
N VAL B 290 -22.85 -11.22 30.00
CA VAL B 290 -21.57 -11.43 29.33
C VAL B 290 -20.37 -11.07 30.20
N MET B 291 -20.25 -9.79 30.57
CA MET B 291 -19.18 -9.35 31.44
C MET B 291 -19.44 -7.96 32.00
N PRO B 292 -18.99 -7.70 33.24
CA PRO B 292 -19.18 -6.40 33.87
C PRO B 292 -18.20 -5.36 33.35
N VAL B 293 -18.46 -4.08 33.64
CA VAL B 293 -17.58 -3.00 33.19
C VAL B 293 -16.19 -3.13 33.80
N THR B 294 -16.10 -3.81 34.93
CA THR B 294 -14.85 -3.94 35.67
C THR B 294 -13.99 -5.09 35.15
N ALA B 295 -14.51 -5.82 34.16
CA ALA B 295 -13.81 -6.98 33.63
C ALA B 295 -12.47 -6.60 32.99
N ASP B 296 -11.42 -7.33 33.37
CA ASP B 296 -10.11 -7.15 32.76
C ASP B 296 -10.13 -7.76 31.36
N LEU B 297 -10.45 -6.94 30.37
CA LEU B 297 -10.54 -7.42 28.99
C LEU B 297 -9.16 -7.71 28.42
N LYS B 298 -8.15 -7.03 28.95
CA LYS B 298 -6.77 -7.22 28.53
C LYS B 298 -6.32 -8.67 28.78
N ALA B 299 -6.67 -9.20 29.94
CA ALA B 299 -6.35 -10.59 30.28
C ALA B 299 -7.31 -11.55 29.57
N THR B 300 -8.57 -11.17 29.48
CA THR B 300 -9.59 -11.98 28.81
C THR B 300 -9.24 -12.22 27.35
N TYR B 301 -8.85 -11.15 26.66
CA TYR B 301 -8.44 -11.24 25.26
C TYR B 301 -7.23 -12.16 25.13
N ALA B 302 -6.35 -12.12 26.13
CA ALA B 302 -5.08 -12.84 26.09
C ALA B 302 -5.25 -14.36 26.18
N ASN B 303 -6.27 -14.80 26.90
CA ASN B 303 -6.56 -16.24 27.00
C ASN B 303 -7.30 -16.74 25.77
N ALA B 304 -8.19 -15.91 25.22
CA ALA B 304 -8.79 -16.15 23.91
C ALA B 304 -9.57 -17.45 23.79
N ASN B 305 -10.56 -17.66 24.66
CA ASN B 305 -11.43 -18.82 24.51
C ASN B 305 -12.33 -18.69 23.30
N GLY B 306 -12.39 -19.73 22.48
CA GLY B 306 -13.19 -19.76 21.27
C GLY B 306 -13.08 -18.53 20.39
N ASN B 307 -14.20 -17.84 20.22
CA ASN B 307 -14.25 -16.64 19.39
C ASN B 307 -14.42 -15.37 20.23
N ASP B 308 -13.90 -15.38 21.46
CA ASP B 308 -14.03 -14.22 22.34
C ASP B 308 -13.24 -13.02 21.85
N GLN B 309 -12.10 -13.27 21.21
CA GLN B 309 -11.29 -12.19 20.65
C GLN B 309 -12.06 -11.45 19.56
N SER B 310 -12.78 -12.19 18.73
CA SER B 310 -13.58 -11.60 17.67
C SER B 310 -14.77 -10.84 18.24
N PHE B 311 -15.34 -11.33 19.33
CA PHE B 311 -16.45 -10.66 19.99
C PHE B 311 -16.02 -9.30 20.52
N LEU B 312 -14.84 -9.25 21.14
CA LEU B 312 -14.32 -8.02 21.70
C LEU B 312 -13.93 -7.04 20.60
N GLN B 313 -13.45 -7.57 19.48
CA GLN B 313 -13.19 -6.75 18.30
C GLN B 313 -14.49 -6.12 17.82
N ASP B 314 -15.53 -6.95 17.72
CA ASP B 314 -16.83 -6.51 17.25
C ASP B 314 -17.49 -5.54 18.23
N LEU B 315 -17.19 -5.70 19.52
CA LEU B 315 -17.74 -4.82 20.54
C LEU B 315 -17.14 -3.42 20.42
N ALA B 316 -15.83 -3.36 20.19
CA ALA B 316 -15.16 -2.08 20.02
C ALA B 316 -15.65 -1.38 18.76
N MET B 317 -15.89 -2.15 17.71
CA MET B 317 -16.43 -1.60 16.47
C MET B 317 -17.84 -1.05 16.71
N PHE B 318 -18.63 -1.77 17.50
CA PHE B 318 -20.00 -1.36 17.79
C PHE B 318 -20.04 -0.08 18.61
N LEU B 319 -19.29 -0.05 19.70
CA LEU B 319 -19.25 1.11 20.59
C LEU B 319 -18.73 2.35 19.89
N THR B 320 -17.63 2.22 19.16
CA THR B 320 -17.03 3.37 18.49
C THR B 320 -17.93 3.91 17.38
N THR B 321 -18.53 3.00 16.61
CA THR B 321 -19.43 3.40 15.54
C THR B 321 -20.67 4.12 16.06
N TYR B 322 -21.30 3.54 17.08
CA TYR B 322 -22.51 4.14 17.66
C TYR B 322 -22.20 5.50 18.27
N LEU B 323 -21.20 5.54 19.15
CA LEU B 323 -20.88 6.76 19.89
C LEU B 323 -20.38 7.89 18.98
N ALA B 324 -19.69 7.54 17.90
CA ALA B 324 -19.21 8.55 16.95
C ALA B 324 -20.40 9.23 16.26
N ARG B 325 -21.51 8.51 16.16
CA ARG B 325 -22.69 9.02 15.50
C ARG B 325 -23.73 9.56 16.48
N ASN B 326 -23.82 8.95 17.66
CA ASN B 326 -24.95 9.21 18.55
C ASN B 326 -24.61 9.65 19.97
N ARG B 327 -23.38 10.11 20.20
CA ARG B 327 -22.98 10.54 21.54
C ARG B 327 -23.83 11.71 22.04
N ALA B 328 -24.06 12.68 21.16
CA ALA B 328 -24.85 13.86 21.50
C ALA B 328 -26.26 13.48 21.93
N LEU B 329 -26.77 12.38 21.39
CA LEU B 329 -28.07 11.85 21.79
C LEU B 329 -28.09 11.44 23.25
N LEU B 330 -27.01 10.81 23.69
CA LEU B 330 -26.90 10.31 25.04
C LEU B 330 -26.56 11.42 26.04
N GLU B 331 -26.01 12.51 25.54
CA GLU B 331 -25.62 13.62 26.39
C GLU B 331 -26.79 14.55 26.71
N SER B 332 -27.75 14.62 25.79
CA SER B 332 -28.88 15.56 25.91
C SER B 332 -29.92 15.13 26.95
N ASP B 333 -29.58 14.14 27.76
CA ASP B 333 -30.51 13.60 28.76
C ASP B 333 -29.70 12.96 29.90
N GLU B 334 -29.85 13.49 31.10
CA GLU B 334 -29.04 13.05 32.23
C GLU B 334 -29.39 11.67 32.76
N SER B 335 -30.56 11.15 32.39
CA SER B 335 -30.94 9.81 32.80
C SER B 335 -30.10 8.78 32.04
N LEU B 336 -29.53 9.22 30.93
CA LEU B 336 -28.69 8.36 30.10
C LEU B 336 -27.22 8.48 30.48
N ARG B 337 -26.92 9.27 31.50
CA ARG B 337 -25.55 9.53 31.93
C ARG B 337 -24.83 8.24 32.30
N GLU B 338 -25.52 7.36 33.02
CA GLU B 338 -24.94 6.07 33.42
C GLU B 338 -24.60 5.21 32.21
N LEU B 339 -25.52 5.17 31.25
CA LEU B 339 -25.32 4.42 30.02
C LEU B 339 -24.15 4.99 29.23
N LEU B 340 -24.07 6.31 29.17
CA LEU B 340 -23.00 7.02 28.47
C LEU B 340 -21.62 6.66 29.03
N LEU B 341 -21.49 6.75 30.35
CA LEU B 341 -20.21 6.52 31.01
C LEU B 341 -19.82 5.05 31.04
N ASN B 342 -20.81 4.16 31.16
CA ASN B 342 -20.56 2.72 31.10
C ASN B 342 -20.03 2.33 29.73
N ALA B 343 -20.61 2.90 28.69
CA ALA B 343 -20.17 2.64 27.32
C ALA B 343 -18.71 3.05 27.15
N HIS B 344 -18.36 4.20 27.72
CA HIS B 344 -17.00 4.71 27.60
C HIS B 344 -16.03 3.95 28.51
N GLN B 345 -16.52 3.43 29.63
CA GLN B 345 -15.67 2.63 30.51
C GLN B 345 -15.32 1.29 29.85
N TYR B 346 -16.28 0.72 29.15
CA TYR B 346 -16.04 -0.47 28.35
C TYR B 346 -14.95 -0.20 27.30
N LEU B 347 -15.02 0.98 26.69
CA LEU B 347 -14.04 1.38 25.68
C LEU B 347 -12.65 1.53 26.30
N ILE B 348 -12.59 2.09 27.51
CA ILE B 348 -11.33 2.22 28.23
C ILE B 348 -10.69 0.85 28.45
N GLN B 349 -11.50 -0.11 28.86
CA GLN B 349 -11.02 -1.47 29.10
C GLN B 349 -10.57 -2.14 27.80
N LEU B 350 -11.29 -1.88 26.72
CA LEU B 350 -10.95 -2.42 25.40
C LEU B 350 -9.65 -1.82 24.88
N SER B 351 -9.38 -0.58 25.27
CA SER B 351 -8.19 0.13 24.79
C SER B 351 -6.91 -0.41 25.44
N LYS B 352 -7.07 -1.22 26.48
CA LYS B 352 -5.93 -1.79 27.20
C LYS B 352 -5.50 -3.12 26.58
N ILE B 353 -6.33 -3.66 25.70
CA ILE B 353 -6.05 -4.92 25.03
C ILE B 353 -4.83 -4.79 24.12
N GLU B 354 -3.87 -5.70 24.27
CA GLU B 354 -2.67 -5.67 23.44
C GLU B 354 -2.95 -6.22 22.05
N GLU B 355 -3.55 -5.38 21.23
CA GLU B 355 -3.90 -5.72 19.85
C GLU B 355 -4.00 -4.42 19.07
N ARG B 356 -2.99 -4.15 18.25
CA ARG B 356 -2.83 -2.83 17.63
C ARG B 356 -4.06 -2.38 16.83
N GLU B 357 -4.55 -3.23 15.95
CA GLU B 357 -5.68 -2.88 15.10
C GLU B 357 -6.94 -2.66 15.91
N LEU B 358 -7.05 -3.34 17.04
CA LEU B 358 -8.15 -3.14 17.97
C LEU B 358 -7.97 -1.79 18.66
N PHE B 359 -6.75 -1.51 19.08
CA PHE B 359 -6.42 -0.26 19.75
C PHE B 359 -6.63 0.94 18.83
N LYS B 360 -6.24 0.79 17.56
CA LYS B 360 -6.40 1.85 16.57
C LYS B 360 -7.86 2.20 16.35
N THR B 361 -8.73 1.20 16.45
CA THR B 361 -10.17 1.40 16.28
C THR B 361 -10.72 2.27 17.41
N THR B 362 -10.31 1.99 18.63
CA THR B 362 -10.73 2.79 19.77
C THR B 362 -10.13 4.20 19.70
N LEU B 363 -8.87 4.29 19.29
CA LEU B 363 -8.16 5.56 19.25
C LEU B 363 -8.82 6.56 18.30
N ASP B 364 -9.29 6.06 17.16
CA ASP B 364 -10.04 6.89 16.21
C ASP B 364 -11.23 7.56 16.89
N TYR B 365 -11.88 6.85 17.80
CA TYR B 365 -13.02 7.43 18.51
C TYR B 365 -12.57 8.40 19.62
N TRP B 366 -11.54 8.02 20.36
CA TRP B 366 -11.04 8.88 21.44
C TRP B 366 -10.63 10.25 20.86
N HIS B 367 -10.08 10.22 19.65
CA HIS B 367 -9.74 11.43 18.92
C HIS B 367 -10.98 12.30 18.73
N ASN B 368 -12.08 11.66 18.33
CA ASN B 368 -13.36 12.34 18.13
C ASN B 368 -13.85 12.96 19.43
N LEU B 369 -13.79 12.19 20.51
CA LEU B 369 -14.29 12.64 21.81
C LEU B 369 -13.49 13.82 22.37
N VAL B 370 -12.18 13.66 22.49
CA VAL B 370 -11.36 14.67 23.15
C VAL B 370 -11.32 15.97 22.36
N ALA B 371 -11.48 15.88 21.04
CA ALA B 371 -11.57 17.07 20.21
C ALA B 371 -12.85 17.82 20.53
N ASP B 372 -13.94 17.06 20.69
CA ASP B 372 -15.23 17.65 21.03
C ASP B 372 -15.19 18.31 22.40
N LEU B 373 -14.52 17.66 23.35
CA LEU B 373 -14.40 18.20 24.70
C LEU B 373 -13.58 19.49 24.71
N PHE B 374 -12.61 19.57 23.82
CA PHE B 374 -11.77 20.76 23.71
C PHE B 374 -12.55 21.96 23.19
N TYR B 375 -13.38 21.75 22.17
CA TYR B 375 -14.15 22.83 21.58
C TYR B 375 -15.47 23.07 22.30
N GLU B 376 -15.82 22.14 23.19
CA GLU B 376 -17.01 22.30 24.04
C GLU B 376 -16.69 21.95 25.49
N PRO B 377 -15.93 22.81 26.18
CA PRO B 377 -15.43 22.51 27.53
C PRO B 377 -16.49 22.52 28.63
N LEU B 378 -17.75 22.81 28.29
CA LEU B 378 -18.81 22.75 29.28
C LEU B 378 -19.23 21.30 29.52
N LYS B 379 -18.97 20.46 28.53
CA LYS B 379 -19.28 19.03 28.63
C LYS B 379 -18.17 18.28 29.36
N LYS B 380 -17.08 18.99 29.65
CA LYS B 380 -15.84 18.38 30.13
C LYS B 380 -15.98 17.60 31.43
N HIS B 381 -16.71 18.17 32.39
CA HIS B 381 -16.85 17.58 33.73
C HIS B 381 -17.43 16.17 33.67
N ILE B 382 -18.27 15.92 32.68
CA ILE B 382 -18.89 14.62 32.48
C ILE B 382 -17.86 13.51 32.29
N TYR B 383 -16.81 13.82 31.53
CA TYR B 383 -15.83 12.82 31.11
C TYR B 383 -14.48 12.91 31.83
N GLU B 384 -14.44 13.60 32.97
CA GLU B 384 -13.17 13.85 33.64
C GLU B 384 -12.46 12.56 34.06
N GLU B 385 -13.22 11.60 34.58
CA GLU B 385 -12.64 10.33 35.01
C GLU B 385 -12.24 9.47 33.81
N ILE B 386 -13.04 9.53 32.75
CA ILE B 386 -12.73 8.82 31.51
C ILE B 386 -11.43 9.35 30.89
N CYS B 387 -11.29 10.67 30.86
CA CYS B 387 -10.12 11.30 30.27
C CYS B 387 -8.85 11.01 31.06
N SER B 388 -8.97 11.08 32.38
CA SER B 388 -7.84 10.79 33.26
C SER B 388 -7.36 9.36 33.03
N GLN B 389 -8.30 8.44 32.90
CA GLN B 389 -7.99 7.05 32.59
C GLN B 389 -7.33 6.93 31.22
N LEU B 390 -7.84 7.71 30.27
CA LEU B 390 -7.37 7.66 28.89
C LEU B 390 -5.95 8.17 28.74
N ARG B 391 -5.59 9.18 29.53
CA ARG B 391 -4.23 9.71 29.53
C ARG B 391 -3.22 8.61 29.82
N LEU B 392 -3.49 7.83 30.85
CA LEU B 392 -2.60 6.74 31.23
C LEU B 392 -2.55 5.66 30.16
N VAL B 393 -3.71 5.33 29.58
CA VAL B 393 -3.78 4.30 28.55
C VAL B 393 -2.90 4.61 27.33
N ILE B 394 -3.00 5.84 26.83
CA ILE B 394 -2.24 6.27 25.67
C ILE B 394 -0.75 6.42 25.97
N ILE B 395 -0.44 6.98 27.15
CA ILE B 395 0.95 7.11 27.59
C ILE B 395 1.62 5.75 27.67
N GLU B 396 0.91 4.76 28.20
CA GLU B 396 1.45 3.41 28.33
C GLU B 396 1.50 2.66 27.00
N ASN B 397 0.86 3.21 25.97
CA ASN B 397 0.84 2.53 24.68
C ASN B 397 1.40 3.35 23.53
N MET B 398 2.13 4.42 23.84
CA MET B 398 2.79 5.22 22.81
C MET B 398 3.77 4.35 22.01
N VAL B 399 3.65 4.39 20.69
CA VAL B 399 4.54 3.64 19.81
C VAL B 399 5.68 4.55 19.37
N ARG B 400 6.75 3.95 18.84
CA ARG B 400 7.91 4.73 18.43
C ARG B 400 7.57 5.60 17.21
N PRO B 401 7.99 6.87 17.24
CA PRO B 401 7.67 7.85 16.20
C PRO B 401 8.55 7.70 14.96
N GLU B 402 9.68 7.01 15.10
CA GLU B 402 10.65 6.90 14.02
C GLU B 402 11.11 5.45 13.84
N GLU B 403 11.20 5.02 12.59
CA GLU B 403 11.64 3.67 12.28
C GLU B 403 12.71 3.67 11.19
N VAL B 404 13.72 2.83 11.35
CA VAL B 404 14.80 2.78 10.38
C VAL B 404 14.93 1.39 9.74
N LEU B 405 15.09 1.38 8.42
CA LEU B 405 15.32 0.14 7.68
C LEU B 405 16.81 -0.11 7.49
N VAL B 406 17.23 -1.36 7.70
CA VAL B 406 18.61 -1.75 7.44
C VAL B 406 18.64 -2.68 6.23
N VAL B 407 19.14 -2.18 5.10
CA VAL B 407 19.08 -2.92 3.84
C VAL B 407 20.43 -2.97 3.15
N GLU B 408 20.66 -4.05 2.39
CA GLU B 408 21.82 -4.15 1.51
C GLU B 408 21.44 -3.72 0.10
N ASN B 409 22.14 -2.72 -0.44
CA ASN B 409 21.84 -2.27 -1.79
C ASN B 409 22.47 -3.16 -2.85
N ASP B 410 22.37 -2.75 -4.12
CA ASP B 410 22.84 -3.57 -5.22
C ASP B 410 24.36 -3.64 -5.32
N GLU B 411 25.05 -2.82 -4.52
CA GLU B 411 26.51 -2.80 -4.54
C GLU B 411 27.07 -3.48 -3.29
N GLY B 412 26.19 -4.13 -2.53
CA GLY B 412 26.61 -4.87 -1.35
C GLY B 412 26.83 -4.01 -0.13
N GLU B 413 26.40 -2.75 -0.20
CA GLU B 413 26.53 -1.83 0.93
C GLU B 413 25.33 -1.94 1.85
N ILE B 414 25.59 -1.97 3.15
CA ILE B 414 24.52 -1.98 4.15
C ILE B 414 24.10 -0.55 4.47
N VAL B 415 22.84 -0.24 4.18
CA VAL B 415 22.36 1.14 4.24
C VAL B 415 21.21 1.32 5.22
N ARG B 416 21.36 2.30 6.12
CA ARG B 416 20.26 2.75 6.97
C ARG B 416 19.39 3.75 6.23
N GLU B 417 18.09 3.70 6.47
CA GLU B 417 17.17 4.68 5.92
C GLU B 417 15.88 4.71 6.74
N PHE B 418 15.30 5.90 6.88
CA PHE B 418 14.11 6.05 7.71
C PHE B 418 12.83 5.70 6.95
N VAL B 419 11.94 4.97 7.63
CA VAL B 419 10.65 4.62 7.07
C VAL B 419 9.76 5.87 7.00
N LYS B 420 9.03 6.03 5.90
CA LYS B 420 8.13 7.16 5.75
C LYS B 420 6.67 6.71 5.72
N GLU B 421 5.84 7.39 6.49
CA GLU B 421 4.39 7.18 6.47
C GLU B 421 3.97 5.73 6.73
N SER B 422 4.61 5.07 7.68
CA SER B 422 4.23 3.71 8.02
C SER B 422 3.02 3.71 8.93
N ASP B 423 2.43 2.54 9.14
CA ASP B 423 1.28 2.41 10.02
C ASP B 423 1.67 2.79 11.44
N THR B 424 2.86 2.38 11.86
CA THR B 424 3.37 2.69 13.20
C THR B 424 3.53 4.19 13.40
N ILE B 425 4.12 4.85 12.40
CA ILE B 425 4.35 6.29 12.46
C ILE B 425 3.02 7.05 12.47
N GLN B 426 2.08 6.62 11.63
CA GLN B 426 0.75 7.21 11.60
C GLN B 426 0.05 7.01 12.94
N LEU B 427 0.29 5.87 13.56
CA LEU B 427 -0.29 5.57 14.87
C LEU B 427 0.25 6.53 15.93
N TYR B 428 1.55 6.79 15.89
CA TYR B 428 2.18 7.74 16.80
C TYR B 428 1.52 9.11 16.69
N LYS B 429 1.33 9.57 15.47
CA LYS B 429 0.78 10.90 15.23
C LYS B 429 -0.66 11.01 15.72
N SER B 430 -1.43 9.93 15.59
CA SER B 430 -2.78 9.91 16.11
C SER B 430 -2.77 9.95 17.64
N GLU B 431 -1.87 9.18 18.24
CA GLU B 431 -1.72 9.15 19.69
C GLU B 431 -1.31 10.51 20.22
N ARG B 432 -0.38 11.14 19.51
CA ARG B 432 0.10 12.47 19.87
C ARG B 432 -1.04 13.50 19.86
N GLU B 433 -1.82 13.48 18.79
CA GLU B 433 -2.94 14.41 18.63
C GLU B 433 -3.92 14.29 19.79
N VAL B 434 -4.24 13.07 20.19
CA VAL B 434 -5.16 12.86 21.32
C VAL B 434 -4.53 13.35 22.62
N LEU B 435 -3.26 13.01 22.82
CA LEU B 435 -2.54 13.38 24.04
C LEU B 435 -2.37 14.90 24.15
N VAL B 436 -2.18 15.57 23.01
CA VAL B 436 -2.09 17.02 22.98
C VAL B 436 -3.41 17.66 23.45
N TYR B 437 -4.52 17.14 22.94
CA TYR B 437 -5.85 17.54 23.40
C TYR B 437 -6.01 17.32 24.90
N LEU B 438 -5.69 16.11 25.34
CA LEU B 438 -5.84 15.72 26.74
C LEU B 438 -4.96 16.55 27.68
N THR B 439 -3.76 16.91 27.21
CA THR B 439 -2.86 17.72 28.01
C THR B 439 -3.49 19.10 28.28
N HIS B 440 -4.10 19.69 27.26
CA HIS B 440 -4.73 21.00 27.44
C HIS B 440 -5.97 20.90 28.33
N LEU B 441 -6.70 19.80 28.20
CA LEU B 441 -7.94 19.61 28.96
C LEU B 441 -7.66 19.58 30.47
N ASN B 442 -6.49 19.06 30.84
CA ASN B 442 -6.05 19.07 32.23
C ASN B 442 -4.53 18.86 32.29
N VAL B 443 -3.80 19.97 32.32
CA VAL B 443 -2.34 19.92 32.28
C VAL B 443 -1.76 19.37 33.58
N ILE B 444 -2.43 19.62 34.69
CA ILE B 444 -1.98 19.15 35.99
C ILE B 444 -2.04 17.63 36.07
N ASP B 445 -3.18 17.07 35.67
CA ASP B 445 -3.37 15.62 35.67
C ASP B 445 -2.36 14.94 34.74
N THR B 446 -2.16 15.53 33.57
CA THR B 446 -1.19 15.01 32.60
C THR B 446 0.22 14.99 33.17
N GLU B 447 0.61 16.09 33.79
CA GLU B 447 1.95 16.20 34.39
C GLU B 447 2.10 15.21 35.55
N GLU B 448 1.09 15.12 36.40
CA GLU B 448 1.13 14.23 37.55
C GLU B 448 1.27 12.76 37.14
N ILE B 449 0.56 12.37 36.09
CA ILE B 449 0.62 11.00 35.59
C ILE B 449 2.01 10.66 35.05
N MET B 450 2.57 11.56 34.26
CA MET B 450 3.88 11.34 33.68
C MET B 450 4.99 11.33 34.73
N ILE B 451 4.89 12.21 35.72
CA ILE B 451 5.88 12.26 36.79
C ILE B 451 5.83 11.02 37.67
N SER B 452 4.62 10.59 38.04
CA SER B 452 4.46 9.42 38.88
C SER B 452 4.88 8.14 38.15
N LYS B 453 4.64 8.09 36.85
CA LYS B 453 5.11 6.98 36.03
C LYS B 453 6.63 6.97 36.01
N LEU B 454 7.22 8.16 35.99
CA LEU B 454 8.66 8.32 36.01
C LEU B 454 9.23 7.86 37.35
N ALA B 455 8.48 8.12 38.42
CA ALA B 455 8.89 7.73 39.77
C ALA B 455 8.84 6.21 39.92
N ARG B 456 7.96 5.57 39.15
CA ARG B 456 7.84 4.11 39.20
C ARG B 456 8.89 3.44 38.33
N GLN B 457 9.58 4.24 37.53
CA GLN B 457 10.77 3.77 36.82
C GLN B 457 11.95 3.84 37.78
N ILE B 458 11.99 4.91 38.57
CA ILE B 458 13.06 5.15 39.52
C ILE B 458 13.05 4.13 40.66
N ASP B 459 11.87 3.83 41.20
CA ASP B 459 11.78 2.88 42.31
C ASP B 459 11.88 1.43 41.84
N GLY B 460 11.82 1.24 40.53
CA GLY B 460 12.05 -0.07 39.93
C GLY B 460 10.81 -0.95 39.84
N SER B 461 9.67 -0.45 40.28
CA SER B 461 8.44 -1.23 40.29
C SER B 461 7.90 -1.47 38.88
N GLU B 462 8.23 -0.58 37.95
CA GLU B 462 7.78 -0.72 36.58
C GLU B 462 8.93 -0.63 35.59
N TRP B 463 10.15 -0.81 36.08
CA TRP B 463 11.35 -0.67 35.25
C TRP B 463 11.44 -1.71 34.14
N SER B 464 11.65 -1.21 32.92
CA SER B 464 11.99 -2.04 31.77
C SER B 464 12.38 -1.12 30.62
N TRP B 465 13.16 -1.64 29.68
CA TRP B 465 13.58 -0.87 28.52
C TRP B 465 12.37 -0.38 27.73
N HIS B 466 11.39 -1.26 27.57
CA HIS B 466 10.18 -0.92 26.83
C HIS B 466 9.38 0.17 27.51
N ASN B 467 9.29 0.10 28.84
CA ASN B 467 8.47 1.06 29.59
C ASN B 467 9.09 2.43 29.71
N ILE B 468 10.42 2.49 29.81
CA ILE B 468 11.10 3.79 29.87
C ILE B 468 11.10 4.44 28.50
N ASN B 469 11.23 3.63 27.45
CA ASN B 469 11.16 4.13 26.08
C ASN B 469 9.77 4.66 25.75
N THR B 470 8.76 3.87 26.13
CA THR B 470 7.37 4.22 25.87
C THR B 470 6.99 5.52 26.56
N LEU B 471 7.42 5.68 27.81
CA LEU B 471 7.15 6.91 28.56
C LEU B 471 7.88 8.09 27.94
N SER B 472 9.09 7.86 27.45
CA SER B 472 9.87 8.92 26.81
C SER B 472 9.18 9.43 25.55
N TRP B 473 8.62 8.51 24.77
CA TRP B 473 7.91 8.86 23.55
C TRP B 473 6.66 9.68 23.88
N ALA B 474 6.00 9.33 24.98
CA ALA B 474 4.80 10.07 25.42
C ALA B 474 5.16 11.48 25.85
N ILE B 475 6.19 11.59 26.67
CA ILE B 475 6.65 12.88 27.18
C ILE B 475 7.11 13.78 26.04
N GLY B 476 7.86 13.20 25.10
CA GLY B 476 8.39 13.95 23.98
C GLY B 476 7.33 14.36 22.96
N SER B 477 6.10 13.92 23.16
CA SER B 477 5.05 14.17 22.19
C SER B 477 4.22 15.43 22.49
N ILE B 478 4.29 15.91 23.72
CA ILE B 478 3.44 17.04 24.12
C ILE B 478 4.21 18.36 24.25
N SER B 479 5.26 18.53 23.46
CA SER B 479 5.95 19.81 23.41
C SER B 479 5.03 20.90 22.87
N GLY B 480 5.05 22.07 23.50
CA GLY B 480 4.24 23.18 23.07
C GLY B 480 2.78 23.10 23.50
N THR B 481 2.53 22.50 24.66
CA THR B 481 1.17 22.30 25.13
C THR B 481 0.87 22.95 26.48
N MET B 482 1.89 23.01 27.35
CA MET B 482 1.68 23.35 28.75
C MET B 482 1.86 24.83 29.09
N SER B 483 2.11 25.65 28.07
CA SER B 483 2.66 27.01 28.19
C SER B 483 4.16 26.91 28.46
N GLU B 484 4.90 27.95 28.07
CA GLU B 484 6.36 27.90 28.10
C GLU B 484 6.93 27.69 29.51
N ASP B 485 6.35 28.36 30.49
CA ASP B 485 6.87 28.29 31.87
C ASP B 485 6.63 26.93 32.51
N THR B 486 5.41 26.41 32.36
CA THR B 486 5.08 25.09 32.89
C THR B 486 5.90 24.03 32.19
N GLU B 487 6.07 24.19 30.87
CA GLU B 487 6.90 23.30 30.08
C GLU B 487 8.32 23.26 30.63
N LYS B 488 8.85 24.42 30.99
CA LYS B 488 10.21 24.52 31.51
C LYS B 488 10.38 23.74 32.80
N ARG B 489 9.50 23.99 33.76
CA ARG B 489 9.55 23.28 35.05
C ARG B 489 9.39 21.78 34.84
N PHE B 490 8.55 21.41 33.89
CA PHE B 490 8.26 20.00 33.61
C PHE B 490 9.47 19.28 33.01
N VAL B 491 10.08 19.89 32.00
CA VAL B 491 11.23 19.29 31.34
C VAL B 491 12.44 19.22 32.26
N VAL B 492 12.67 20.27 33.04
CA VAL B 492 13.76 20.28 34.01
C VAL B 492 13.61 19.11 34.99
N THR B 493 12.41 18.94 35.51
CA THR B 493 12.10 17.84 36.41
C THR B 493 12.38 16.48 35.77
N VAL B 494 11.91 16.33 34.53
CA VAL B 494 12.05 15.07 33.80
C VAL B 494 13.51 14.74 33.54
N ILE B 495 14.27 15.72 33.06
CA ILE B 495 15.69 15.52 32.76
C ILE B 495 16.47 15.24 34.04
N LYS B 496 16.13 15.97 35.10
CA LYS B 496 16.72 15.73 36.43
C LYS B 496 16.56 14.27 36.86
N ASP B 497 15.31 13.81 36.86
CA ASP B 497 14.99 12.45 37.28
C ASP B 497 15.68 11.40 36.41
N LEU B 498 15.70 11.63 35.11
CA LEU B 498 16.32 10.69 34.18
C LEU B 498 17.83 10.63 34.39
N LEU B 499 18.43 11.77 34.71
CA LEU B 499 19.87 11.82 34.98
C LEU B 499 20.22 11.05 36.26
N ASP B 500 19.41 11.21 37.29
CA ASP B 500 19.59 10.46 38.52
C ASP B 500 19.34 8.98 38.29
N LEU B 501 18.38 8.68 37.43
CA LEU B 501 18.04 7.30 37.09
C LEU B 501 19.20 6.61 36.39
N THR B 502 19.93 7.36 35.57
CA THR B 502 21.08 6.80 34.86
C THR B 502 22.19 6.41 35.82
N VAL B 503 22.42 7.27 36.81
CA VAL B 503 23.40 6.99 37.85
C VAL B 503 22.99 5.76 38.66
N LYS B 504 21.71 5.71 39.03
CA LYS B 504 21.18 4.67 39.89
C LYS B 504 21.27 3.27 39.26
N LYS B 505 21.07 3.19 37.95
CA LYS B 505 21.02 1.91 37.26
C LYS B 505 22.40 1.27 37.07
N ARG B 506 22.49 -0.02 37.35
CA ARG B 506 23.71 -0.78 37.13
C ARG B 506 23.75 -1.33 35.71
N GLY B 507 24.95 -1.40 35.14
CA GLY B 507 25.11 -1.97 33.82
C GLY B 507 25.10 -0.94 32.70
N LYS B 508 26.08 -1.05 31.81
CA LYS B 508 26.20 -0.16 30.66
C LYS B 508 24.96 -0.28 29.76
N ASP B 509 24.37 -1.48 29.76
CA ASP B 509 23.13 -1.74 29.05
C ASP B 509 22.03 -0.76 29.42
N ASN B 510 21.62 -0.82 30.68
CA ASN B 510 20.53 0.01 31.19
C ASN B 510 20.85 1.51 31.14
N LYS B 511 22.11 1.86 31.37
CA LYS B 511 22.55 3.24 31.33
C LYS B 511 22.40 3.84 29.94
N ALA B 512 22.78 3.08 28.93
CA ALA B 512 22.68 3.53 27.54
C ALA B 512 21.23 3.77 27.14
N VAL B 513 20.33 2.94 27.66
CA VAL B 513 18.91 3.07 27.37
C VAL B 513 18.35 4.39 27.90
N VAL B 514 18.62 4.68 29.17
CA VAL B 514 18.13 5.90 29.81
C VAL B 514 18.79 7.13 29.20
N ALA B 515 20.06 7.01 28.85
CA ALA B 515 20.80 8.12 28.23
C ALA B 515 20.21 8.46 26.87
N SER B 516 19.89 7.44 26.09
CA SER B 516 19.29 7.63 24.78
C SER B 516 17.92 8.30 24.89
N ASP B 517 17.22 8.01 25.98
CA ASP B 517 15.91 8.59 26.21
C ASP B 517 16.01 10.04 26.66
N ILE B 518 17.07 10.35 27.40
CA ILE B 518 17.35 11.74 27.77
C ILE B 518 17.55 12.55 26.50
N MET B 519 18.35 12.00 25.58
CA MET B 519 18.63 12.65 24.31
C MET B 519 17.39 12.75 23.44
N TYR B 520 16.51 11.76 23.52
CA TYR B 520 15.29 11.81 22.74
C TYR B 520 14.38 12.94 23.20
N VAL B 521 14.21 13.04 24.52
CA VAL B 521 13.31 14.03 25.10
C VAL B 521 13.74 15.46 24.80
N VAL B 522 15.02 15.77 25.01
CA VAL B 522 15.53 17.11 24.76
C VAL B 522 15.39 17.48 23.28
N GLY B 523 15.52 16.49 22.40
CA GLY B 523 15.39 16.71 20.98
C GLY B 523 13.96 17.01 20.56
N GLN B 524 13.03 16.72 21.47
CA GLN B 524 11.61 16.95 21.21
C GLN B 524 11.13 18.29 21.77
N TYR B 525 12.00 18.99 22.49
CA TYR B 525 11.63 20.28 23.07
C TYR B 525 12.57 21.40 22.62
N PRO B 526 12.43 21.84 21.35
CA PRO B 526 13.34 22.84 20.79
C PRO B 526 13.17 24.24 21.39
N ARG B 527 11.94 24.60 21.77
CA ARG B 527 11.71 25.89 22.42
C ARG B 527 12.50 25.97 23.72
N PHE B 528 12.51 24.85 24.44
CA PHE B 528 13.28 24.71 25.67
C PHE B 528 14.78 24.86 25.37
N LEU B 529 15.24 24.20 24.31
CA LEU B 529 16.65 24.24 23.94
C LEU B 529 17.11 25.63 23.49
N LYS B 530 16.29 26.28 22.67
CA LYS B 530 16.64 27.57 22.09
C LYS B 530 16.69 28.69 23.13
N ALA B 531 15.94 28.53 24.21
CA ALA B 531 15.85 29.56 25.24
C ALA B 531 17.10 29.58 26.11
N HIS B 532 17.85 28.48 26.12
CA HIS B 532 19.02 28.36 26.99
C HIS B 532 20.23 27.85 26.22
N TRP B 533 21.09 28.76 25.78
CA TRP B 533 22.22 28.40 24.93
C TRP B 533 23.22 27.47 25.62
N ASN B 534 23.53 27.74 26.88
CA ASN B 534 24.51 26.95 27.61
C ASN B 534 24.08 25.48 27.71
N PHE B 535 22.78 25.27 27.90
CA PHE B 535 22.25 23.91 27.97
C PHE B 535 22.27 23.25 26.61
N LEU B 536 21.89 24.00 25.58
CA LEU B 536 21.89 23.49 24.21
C LEU B 536 23.29 23.08 23.78
N ARG B 537 24.28 23.92 24.10
CA ARG B 537 25.67 23.62 23.80
C ARG B 537 26.13 22.38 24.56
N THR B 538 25.68 22.24 25.80
CA THR B 538 26.01 21.08 26.62
C THR B 538 25.46 19.80 26.00
N VAL B 539 24.23 19.88 25.49
CA VAL B 539 23.59 18.73 24.84
C VAL B 539 24.39 18.27 23.64
N ILE B 540 24.76 19.21 22.78
CA ILE B 540 25.51 18.90 21.56
C ILE B 540 26.86 18.26 21.87
N LEU B 541 27.58 18.84 22.82
CA LEU B 541 28.90 18.33 23.19
C LEU B 541 28.85 16.90 23.76
N LYS B 542 27.79 16.58 24.48
CA LYS B 542 27.62 15.22 25.00
C LYS B 542 27.28 14.25 23.87
N LEU B 543 26.52 14.72 22.90
CA LEU B 543 26.24 13.95 21.70
C LEU B 543 27.55 13.65 20.95
N PHE B 544 28.44 14.64 20.92
CA PHE B 544 29.76 14.46 20.32
C PHE B 544 30.55 13.40 21.09
N GLU B 545 30.43 13.43 22.41
CA GLU B 545 31.09 12.45 23.27
C GLU B 545 30.53 11.04 23.04
N PHE B 546 29.24 10.98 22.75
CA PHE B 546 28.58 9.70 22.48
C PHE B 546 28.99 9.12 21.13
N MET B 547 29.50 9.96 20.24
CA MET B 547 29.94 9.51 18.93
C MET B 547 31.24 8.69 19.01
N HIS B 548 31.81 8.60 20.21
CA HIS B 548 32.99 7.76 20.43
C HIS B 548 32.60 6.45 21.12
N GLU B 549 31.32 6.33 21.48
CA GLU B 549 30.85 5.17 22.22
C GLU B 549 30.51 4.01 21.28
N THR B 550 31.22 2.90 21.43
CA THR B 550 31.06 1.75 20.54
C THR B 550 29.88 0.87 20.92
N HIS B 551 29.27 1.13 22.06
CA HIS B 551 28.08 0.38 22.49
C HIS B 551 27.02 0.47 21.38
N GLU B 552 26.43 -0.68 21.06
CA GLU B 552 25.56 -0.78 19.88
C GLU B 552 24.40 0.20 19.91
N GLY B 553 24.24 0.94 18.81
CA GLY B 553 23.13 1.85 18.64
C GLY B 553 23.37 3.26 19.15
N VAL B 554 24.39 3.42 20.00
CA VAL B 554 24.64 4.71 20.64
C VAL B 554 25.10 5.78 19.65
N GLN B 555 26.04 5.43 18.78
CA GLN B 555 26.55 6.36 17.79
C GLN B 555 25.47 6.78 16.79
N ASP B 556 24.65 5.82 16.38
CA ASP B 556 23.51 6.12 15.52
C ASP B 556 22.55 7.08 16.21
N MET B 557 22.30 6.84 17.48
CA MET B 557 21.46 7.71 18.30
C MET B 557 22.04 9.12 18.36
N ALA B 558 23.35 9.20 18.59
CA ALA B 558 24.04 10.49 18.71
C ALA B 558 23.96 11.29 17.40
N CYS B 559 24.20 10.62 16.28
CA CYS B 559 24.15 11.27 14.98
C CYS B 559 22.72 11.66 14.60
N ASP B 560 21.76 10.76 14.87
CA ASP B 560 20.37 11.01 14.57
C ASP B 560 19.83 12.19 15.36
N THR B 561 20.17 12.25 16.64
CA THR B 561 19.71 13.32 17.51
C THR B 561 20.34 14.66 17.11
N PHE B 562 21.62 14.60 16.73
CA PHE B 562 22.37 15.78 16.33
C PHE B 562 21.72 16.50 15.16
N ILE B 563 21.47 15.78 14.07
CA ILE B 563 20.87 16.36 12.89
C ILE B 563 19.42 16.75 13.15
N LYS B 564 18.78 16.06 14.09
CA LYS B 564 17.40 16.35 14.46
C LYS B 564 17.32 17.68 15.20
N ILE B 565 18.30 17.92 16.07
CA ILE B 565 18.33 19.15 16.86
C ILE B 565 18.74 20.35 16.02
N VAL B 566 19.72 20.16 15.12
CA VAL B 566 20.15 21.26 14.27
C VAL B 566 19.07 21.62 13.25
N GLN B 567 18.22 20.65 12.92
CA GLN B 567 17.11 20.90 12.02
C GLN B 567 16.16 21.93 12.62
N LYS B 568 16.00 21.86 13.94
CA LYS B 568 15.08 22.76 14.64
C LYS B 568 15.79 24.00 15.17
N CYS B 569 17.07 23.86 15.51
CA CYS B 569 17.79 24.93 16.21
C CYS B 569 18.98 25.51 15.44
N LYS B 570 19.01 25.31 14.12
CA LYS B 570 20.15 25.71 13.28
C LYS B 570 20.59 27.16 13.45
N TYR B 571 19.63 28.05 13.65
CA TYR B 571 19.90 29.49 13.74
C TYR B 571 20.87 29.83 14.87
N HIS B 572 20.80 29.07 15.95
CA HIS B 572 21.64 29.34 17.12
C HIS B 572 23.08 28.86 16.91
N PHE B 573 23.33 28.21 15.78
CA PHE B 573 24.67 27.72 15.48
C PHE B 573 25.42 28.61 14.49
N VAL B 574 24.71 29.48 13.78
CA VAL B 574 25.35 30.37 12.81
C VAL B 574 25.65 31.75 13.38
N ILE B 575 24.84 32.19 14.33
CA ILE B 575 25.06 33.48 14.96
C ILE B 575 26.08 33.35 16.08
N GLN B 576 26.71 34.46 16.44
CA GLN B 576 27.63 34.47 17.56
C GLN B 576 26.87 34.73 18.85
N GLN B 577 26.73 33.69 19.66
CA GLN B 577 26.02 33.78 20.94
C GLN B 577 26.73 34.70 21.91
N PRO B 578 26.01 35.19 22.93
CA PRO B 578 26.70 35.88 24.02
C PRO B 578 27.68 34.95 24.73
N ARG B 579 28.83 35.49 25.13
CA ARG B 579 29.91 34.74 25.80
C ARG B 579 30.53 33.68 24.89
N GLU B 580 30.48 33.92 23.58
CA GLU B 580 31.20 33.10 22.61
C GLU B 580 32.07 34.00 21.74
N SER B 581 33.20 33.49 21.28
CA SER B 581 34.10 34.27 20.46
C SER B 581 33.89 33.99 18.97
N GLU B 582 32.96 33.08 18.69
CA GLU B 582 32.68 32.67 17.32
C GLU B 582 31.37 31.89 17.24
N PRO B 583 30.71 31.91 16.08
CA PRO B 583 29.56 31.04 15.84
C PRO B 583 29.95 29.59 16.07
N PHE B 584 29.07 28.81 16.71
CA PHE B 584 29.44 27.46 17.13
C PHE B 584 29.72 26.54 15.94
N ILE B 585 29.23 26.90 14.76
CA ILE B 585 29.49 26.10 13.56
C ILE B 585 30.99 26.08 13.24
N GLN B 586 31.68 27.18 13.55
CA GLN B 586 33.12 27.24 13.35
C GLN B 586 33.81 26.27 14.32
N THR B 587 33.29 26.18 15.53
CA THR B 587 33.80 25.26 16.53
C THR B 587 33.59 23.81 16.09
N ILE B 588 32.41 23.53 15.53
CA ILE B 588 32.07 22.20 15.06
C ILE B 588 32.96 21.76 13.91
N ILE B 589 33.10 22.64 12.92
CA ILE B 589 33.91 22.36 11.74
C ILE B 589 35.37 22.09 12.11
N ARG B 590 35.91 22.86 13.04
CA ARG B 590 37.32 22.75 13.41
C ARG B 590 37.64 21.40 14.06
N ASP B 591 36.74 20.91 14.91
CA ASP B 591 36.97 19.67 15.64
C ASP B 591 36.42 18.45 14.91
N ILE B 592 36.08 18.60 13.63
CA ILE B 592 35.32 17.59 12.92
C ILE B 592 36.08 16.27 12.74
N GLN B 593 37.41 16.35 12.69
CA GLN B 593 38.23 15.15 12.54
C GLN B 593 38.22 14.35 13.84
N LYS B 594 38.31 15.05 14.96
CA LYS B 594 38.29 14.41 16.27
C LYS B 594 36.92 13.83 16.57
N THR B 595 35.88 14.64 16.38
CA THR B 595 34.51 14.24 16.69
C THR B 595 34.07 13.00 15.91
N THR B 596 34.40 12.96 14.63
CA THR B 596 33.93 11.90 13.74
C THR B 596 34.92 10.74 13.58
N ALA B 597 35.99 10.76 14.36
CA ALA B 597 37.09 9.81 14.19
C ALA B 597 36.67 8.34 14.31
N ASP B 598 35.72 8.05 15.19
CA ASP B 598 35.32 6.68 15.45
C ASP B 598 34.04 6.28 14.73
N LEU B 599 33.43 7.24 14.03
CA LEU B 599 32.17 6.99 13.33
C LEU B 599 32.37 6.10 12.11
N GLN B 600 31.29 5.43 11.71
CA GLN B 600 31.27 4.70 10.45
C GLN B 600 30.98 5.70 9.33
N PRO B 601 31.41 5.39 8.09
CA PRO B 601 31.24 6.29 6.94
C PRO B 601 29.86 6.93 6.84
N GLN B 602 28.82 6.11 6.83
CA GLN B 602 27.46 6.59 6.73
C GLN B 602 27.15 7.61 7.80
N GLN B 603 27.64 7.35 9.01
CA GLN B 603 27.44 8.24 10.16
C GLN B 603 28.21 9.56 10.00
N VAL B 604 29.41 9.49 9.43
CA VAL B 604 30.20 10.68 9.14
C VAL B 604 29.45 11.56 8.14
N HIS B 605 28.85 10.92 7.16
CA HIS B 605 28.11 11.64 6.11
C HIS B 605 26.90 12.35 6.69
N THR B 606 26.27 11.73 7.69
CA THR B 606 25.16 12.36 8.40
C THR B 606 25.65 13.59 9.17
N PHE B 607 26.83 13.49 9.75
CA PHE B 607 27.41 14.60 10.48
C PHE B 607 27.64 15.79 9.56
N TYR B 608 28.25 15.52 8.41
CA TYR B 608 28.50 16.57 7.41
C TYR B 608 27.20 17.18 6.89
N LYS B 609 26.19 16.34 6.72
CA LYS B 609 24.88 16.80 6.28
C LYS B 609 24.30 17.78 7.29
N ALA B 610 24.47 17.47 8.58
CA ALA B 610 23.98 18.32 9.65
C ALA B 610 24.66 19.69 9.62
N CYS B 611 25.97 19.68 9.39
CA CYS B 611 26.74 20.91 9.27
C CYS B 611 26.25 21.73 8.08
N GLY B 612 25.90 21.04 6.99
CA GLY B 612 25.38 21.68 5.81
C GLY B 612 24.08 22.41 6.07
N ILE B 613 23.23 21.83 6.90
CA ILE B 613 21.98 22.45 7.32
C ILE B 613 22.26 23.79 8.00
N ILE B 614 23.24 23.78 8.89
CA ILE B 614 23.62 24.98 9.62
C ILE B 614 24.19 26.05 8.68
N ILE B 615 25.15 25.67 7.85
CA ILE B 615 25.81 26.62 6.96
C ILE B 615 24.84 27.30 5.99
N SER B 616 23.80 26.58 5.59
CA SER B 616 22.77 27.15 4.71
C SER B 616 22.04 28.33 5.37
N GLU B 617 22.18 28.45 6.69
CA GLU B 617 21.51 29.49 7.45
C GLU B 617 22.33 30.79 7.48
N GLU B 618 23.55 30.76 6.95
CA GLU B 618 24.38 31.96 6.87
C GLU B 618 23.91 32.84 5.71
N ARG B 619 23.47 34.05 6.03
CA ARG B 619 22.88 34.94 5.05
C ARG B 619 23.93 35.62 4.17
N SER B 620 25.08 35.95 4.75
CA SER B 620 26.18 36.51 3.97
C SER B 620 26.78 35.43 3.07
N VAL B 621 26.75 35.67 1.77
CA VAL B 621 27.15 34.67 0.80
C VAL B 621 28.65 34.38 0.85
N ALA B 622 29.45 35.41 1.07
CA ALA B 622 30.91 35.26 1.15
C ALA B 622 31.29 34.40 2.34
N GLU B 623 30.62 34.62 3.46
CA GLU B 623 30.88 33.87 4.68
C GLU B 623 30.32 32.45 4.60
N ARG B 624 29.20 32.31 3.90
CA ARG B 624 28.60 30.99 3.71
C ARG B 624 29.52 30.11 2.89
N ASN B 625 30.06 30.66 1.80
CA ASN B 625 31.02 29.95 0.96
C ASN B 625 32.29 29.62 1.72
N ARG B 626 32.70 30.50 2.63
CA ARG B 626 33.89 30.29 3.43
C ARG B 626 33.67 29.14 4.41
N LEU B 627 32.51 29.12 5.03
CA LEU B 627 32.13 28.04 5.94
C LEU B 627 32.07 26.71 5.19
N LEU B 628 31.47 26.73 4.00
CA LEU B 628 31.37 25.54 3.16
C LEU B 628 32.76 25.03 2.81
N SER B 629 33.66 25.95 2.48
CA SER B 629 35.02 25.61 2.13
C SER B 629 35.74 24.93 3.30
N ASP B 630 35.58 25.50 4.49
CA ASP B 630 36.21 24.94 5.69
C ASP B 630 35.63 23.58 6.04
N LEU B 631 34.32 23.42 5.85
CA LEU B 631 33.64 22.16 6.13
C LEU B 631 34.18 21.05 5.23
N MET B 632 34.42 21.38 3.96
CA MET B 632 34.81 20.39 2.97
C MET B 632 36.33 20.22 2.89
N GLN B 633 37.06 20.78 3.84
CA GLN B 633 38.52 20.77 3.76
C GLN B 633 39.10 19.36 3.77
N LEU B 634 38.62 18.51 4.67
CA LEU B 634 39.12 17.13 4.76
C LEU B 634 38.81 16.29 3.51
N PRO B 635 37.56 16.32 3.02
CA PRO B 635 37.35 15.55 1.79
C PRO B 635 38.01 16.17 0.56
N ASN B 636 38.15 17.49 0.54
CA ASN B 636 38.81 18.16 -0.59
C ASN B 636 40.31 17.85 -0.64
N MET B 637 40.94 17.76 0.53
CA MET B 637 42.35 17.41 0.60
C MET B 637 42.58 15.98 0.16
N ALA B 638 41.70 15.08 0.59
CA ALA B 638 41.74 13.69 0.15
C ALA B 638 41.49 13.60 -1.35
N TRP B 639 40.60 14.46 -1.84
CA TRP B 639 40.27 14.51 -3.26
C TRP B 639 41.41 15.10 -4.09
N ASP B 640 42.01 16.18 -3.60
CA ASP B 640 43.12 16.82 -4.30
C ASP B 640 44.31 15.86 -4.39
N THR B 641 44.59 15.18 -3.28
CA THR B 641 45.66 14.19 -3.23
C THR B 641 45.46 13.09 -4.27
N ILE B 642 44.24 12.56 -4.34
CA ILE B 642 43.90 11.48 -5.27
C ILE B 642 43.93 11.97 -6.71
N VAL B 643 43.60 13.25 -6.91
CA VAL B 643 43.67 13.86 -8.24
C VAL B 643 45.13 13.93 -8.70
N GLU B 644 46.01 14.31 -7.78
CA GLU B 644 47.44 14.35 -8.07
C GLU B 644 47.97 12.95 -8.37
N GLN B 645 47.54 11.97 -7.59
CA GLN B 645 47.97 10.59 -7.78
C GLN B 645 47.50 10.02 -9.12
N SER B 646 46.37 10.52 -9.61
CA SER B 646 45.82 10.07 -10.88
C SER B 646 46.74 10.42 -12.04
N THR B 647 47.47 11.52 -11.89
CA THR B 647 48.44 11.95 -12.90
C THR B 647 49.67 11.04 -12.89
N ALA B 648 50.00 10.53 -11.71
CA ALA B 648 51.23 9.75 -11.53
C ALA B 648 51.02 8.26 -11.71
N ASN B 649 49.76 7.80 -11.67
CA ASN B 649 49.48 6.38 -11.72
C ASN B 649 48.21 6.04 -12.51
N PRO B 650 48.39 5.40 -13.69
CA PRO B 650 47.28 5.02 -14.57
C PRO B 650 46.46 3.83 -14.06
N THR B 651 47.00 3.07 -13.11
CA THR B 651 46.30 1.90 -12.59
C THR B 651 45.70 2.20 -11.21
N LEU B 652 45.48 3.47 -10.93
CA LEU B 652 45.05 3.93 -9.61
C LEU B 652 43.72 3.32 -9.16
N LEU B 653 42.79 3.16 -10.10
CA LEU B 653 41.44 2.72 -9.77
C LEU B 653 41.32 1.20 -9.59
N LEU B 654 42.45 0.50 -9.66
CA LEU B 654 42.45 -0.93 -9.43
C LEU B 654 42.72 -1.23 -7.95
N ASP B 655 43.17 -0.22 -7.22
CA ASP B 655 43.35 -0.33 -5.78
C ASP B 655 42.00 -0.17 -5.10
N SER B 656 41.55 -1.23 -4.43
CA SER B 656 40.23 -1.26 -3.82
C SER B 656 40.11 -0.27 -2.67
N GLU B 657 41.23 0.00 -2.00
CA GLU B 657 41.25 0.94 -0.89
C GLU B 657 41.05 2.37 -1.41
N THR B 658 41.66 2.68 -2.55
CA THR B 658 41.50 3.99 -3.17
C THR B 658 40.07 4.17 -3.65
N VAL B 659 39.51 3.14 -4.25
CA VAL B 659 38.12 3.15 -4.72
C VAL B 659 37.16 3.48 -3.57
N LYS B 660 37.41 2.85 -2.43
CA LYS B 660 36.59 3.03 -1.24
C LYS B 660 36.70 4.46 -0.67
N ILE B 661 37.90 5.02 -0.70
CA ILE B 661 38.11 6.38 -0.24
C ILE B 661 37.38 7.38 -1.14
N ILE B 662 37.50 7.18 -2.45
CA ILE B 662 36.83 8.04 -3.43
C ILE B 662 35.33 7.97 -3.25
N ALA B 663 34.81 6.77 -2.99
CA ALA B 663 33.38 6.58 -2.77
C ALA B 663 32.88 7.41 -1.59
N ASN B 664 33.64 7.39 -0.49
CA ASN B 664 33.28 8.14 0.70
C ASN B 664 33.45 9.64 0.52
N ILE B 665 34.37 10.03 -0.37
CA ILE B 665 34.54 11.44 -0.72
C ILE B 665 33.28 11.96 -1.41
N ILE B 666 32.80 11.23 -2.41
CA ILE B 666 31.62 11.63 -3.15
C ILE B 666 30.37 11.59 -2.27
N LYS B 667 30.25 10.55 -1.45
CA LYS B 667 29.11 10.43 -0.54
C LYS B 667 29.05 11.61 0.43
N THR B 668 30.21 12.10 0.84
CA THR B 668 30.28 13.26 1.72
C THR B 668 29.75 14.50 1.01
N ASN B 669 30.11 14.64 -0.27
CA ASN B 669 29.63 15.75 -1.08
C ASN B 669 28.11 15.67 -1.29
N VAL B 670 27.60 14.46 -1.50
CA VAL B 670 26.17 14.24 -1.66
C VAL B 670 25.42 14.66 -0.40
N ALA B 671 25.95 14.25 0.75
CA ALA B 671 25.35 14.55 2.04
C ALA B 671 25.23 16.06 2.27
N VAL B 672 26.32 16.77 2.02
CA VAL B 672 26.33 18.23 2.21
C VAL B 672 25.42 18.91 1.18
N CYS B 673 25.43 18.42 -0.05
CA CYS B 673 24.61 18.99 -1.12
C CYS B 673 23.12 18.79 -0.86
N THR B 674 22.79 17.67 -0.21
CA THR B 674 21.40 17.36 0.11
C THR B 674 20.80 18.43 1.01
N SER B 675 21.60 18.90 1.97
CA SER B 675 21.12 19.88 2.94
C SER B 675 21.34 21.33 2.48
N MET B 676 22.34 21.54 1.64
CA MET B 676 22.67 22.90 1.21
C MET B 676 21.99 23.30 -0.09
N GLY B 677 21.78 22.32 -0.98
CA GLY B 677 21.12 22.56 -2.25
C GLY B 677 21.78 23.59 -3.12
N ALA B 678 21.07 24.70 -3.36
CA ALA B 678 21.57 25.76 -4.23
C ALA B 678 22.87 26.37 -3.72
N ASP B 679 23.04 26.36 -2.40
CA ASP B 679 24.23 26.95 -1.77
C ASP B 679 25.48 26.11 -1.97
N PHE B 680 25.31 24.90 -2.51
CA PHE B 680 26.40 23.94 -2.63
C PHE B 680 27.26 24.20 -3.87
N TYR B 681 26.78 25.08 -4.75
CA TYR B 681 27.40 25.33 -6.06
C TYR B 681 28.93 25.54 -6.07
N PRO B 682 29.47 26.36 -5.16
CA PRO B 682 30.93 26.57 -5.23
C PRO B 682 31.73 25.29 -4.98
N GLN B 683 31.24 24.42 -4.10
CA GLN B 683 31.93 23.16 -3.82
C GLN B 683 31.80 22.21 -5.01
N LEU B 684 30.63 22.19 -5.62
CA LEU B 684 30.39 21.37 -6.81
C LEU B 684 31.35 21.74 -7.92
N GLY B 685 31.51 23.05 -8.14
CA GLY B 685 32.41 23.55 -9.17
C GLY B 685 33.85 23.17 -8.94
N HIS B 686 34.24 23.05 -7.67
CA HIS B 686 35.61 22.73 -7.31
C HIS B 686 36.02 21.33 -7.76
N ILE B 687 35.06 20.43 -7.89
CA ILE B 687 35.34 19.04 -8.21
C ILE B 687 34.69 18.57 -9.51
N TYR B 688 33.83 19.40 -10.08
CA TYR B 688 32.93 18.99 -11.14
C TYR B 688 33.59 18.33 -12.35
N TYR B 689 34.55 19.02 -12.96
CA TYR B 689 35.18 18.54 -14.18
C TYR B 689 35.98 17.26 -13.96
N ASN B 690 36.76 17.22 -12.87
CA ASN B 690 37.51 16.02 -12.53
C ASN B 690 36.58 14.86 -12.16
N MET B 691 35.44 15.19 -11.56
CA MET B 691 34.45 14.18 -11.18
C MET B 691 33.83 13.53 -12.42
N LEU B 692 33.49 14.36 -13.41
CA LEU B 692 32.94 13.86 -14.67
C LEU B 692 33.95 12.98 -15.38
N GLN B 693 35.22 13.37 -15.33
CA GLN B 693 36.30 12.60 -15.91
C GLN B 693 36.45 11.27 -15.21
N LEU B 694 36.30 11.28 -13.89
CA LEU B 694 36.34 10.07 -13.08
C LEU B 694 35.19 9.14 -13.46
N TYR B 695 34.02 9.73 -13.71
CA TYR B 695 32.83 8.96 -14.09
C TYR B 695 33.06 8.11 -15.32
N ARG B 696 33.58 8.73 -16.38
CA ARG B 696 33.84 8.03 -17.64
C ARG B 696 34.84 6.90 -17.43
N ALA B 697 35.82 7.15 -16.56
CA ALA B 697 36.85 6.16 -16.28
C ALA B 697 36.27 4.89 -15.65
N VAL B 698 35.57 5.06 -14.53
CA VAL B 698 35.05 3.90 -13.81
C VAL B 698 33.94 3.19 -14.59
N SER B 699 33.23 3.93 -15.43
CA SER B 699 32.16 3.35 -16.21
C SER B 699 32.72 2.53 -17.37
N SER B 700 33.86 2.98 -17.89
CA SER B 700 34.56 2.27 -18.95
C SER B 700 35.11 0.94 -18.42
N MET B 701 35.74 0.99 -17.24
CA MET B 701 36.27 -0.20 -16.59
C MET B 701 35.18 -1.25 -16.38
N ILE B 702 34.02 -0.79 -15.93
CA ILE B 702 32.88 -1.68 -15.68
C ILE B 702 32.41 -2.33 -16.98
N SER B 703 32.14 -1.52 -18.00
CA SER B 703 31.63 -2.02 -19.27
C SER B 703 32.62 -2.96 -19.95
N ALA B 704 33.91 -2.68 -19.79
CA ALA B 704 34.95 -3.51 -20.38
C ALA B 704 34.95 -4.91 -19.77
N GLN B 705 34.83 -4.97 -18.44
CA GLN B 705 34.86 -6.24 -17.74
C GLN B 705 33.57 -7.04 -17.91
N VAL B 706 32.44 -6.33 -17.96
CA VAL B 706 31.15 -6.97 -18.18
C VAL B 706 31.11 -7.60 -19.57
N ALA B 707 31.69 -6.90 -20.55
CA ALA B 707 31.78 -7.41 -21.91
C ALA B 707 32.60 -8.70 -21.96
N ALA B 708 33.69 -8.73 -21.21
CA ALA B 708 34.63 -9.85 -21.27
C ALA B 708 34.19 -11.05 -20.43
N GLU B 709 33.51 -10.80 -19.32
CA GLU B 709 33.17 -11.87 -18.39
C GLU B 709 31.68 -12.15 -18.28
N GLY B 710 30.85 -11.24 -18.80
CA GLY B 710 29.41 -11.43 -18.77
C GLY B 710 28.74 -10.86 -17.53
N LEU B 711 27.49 -11.24 -17.34
CA LEU B 711 26.63 -10.68 -16.30
C LEU B 711 27.14 -10.94 -14.89
N ILE B 712 27.86 -12.04 -14.69
CA ILE B 712 28.33 -12.43 -13.36
C ILE B 712 29.39 -11.48 -12.81
N ALA B 713 29.95 -10.65 -13.68
CA ALA B 713 30.94 -9.66 -13.27
C ALA B 713 30.29 -8.56 -12.45
N THR B 714 28.99 -8.36 -12.65
CA THR B 714 28.25 -7.31 -11.95
C THR B 714 28.18 -7.58 -10.44
N LYS B 715 28.32 -8.84 -10.05
CA LYS B 715 28.23 -9.23 -8.64
C LYS B 715 29.59 -9.18 -7.93
N THR B 716 30.66 -9.06 -8.70
CA THR B 716 32.01 -9.05 -8.13
C THR B 716 32.24 -7.80 -7.28
N PRO B 717 33.01 -7.95 -6.19
CA PRO B 717 33.32 -6.83 -5.29
C PRO B 717 34.01 -5.67 -5.98
N LYS B 718 34.87 -5.96 -6.95
CA LYS B 718 35.60 -4.93 -7.68
C LYS B 718 34.66 -4.03 -8.48
N VAL B 719 33.77 -4.65 -9.24
CA VAL B 719 32.83 -3.90 -10.08
C VAL B 719 31.82 -3.12 -9.24
N ARG B 720 31.38 -3.72 -8.15
CA ARG B 720 30.41 -3.07 -7.27
C ARG B 720 31.00 -1.83 -6.60
N GLY B 721 32.30 -1.89 -6.30
CA GLY B 721 32.99 -0.74 -5.74
C GLY B 721 33.04 0.41 -6.74
N LEU B 722 33.25 0.06 -8.00
CA LEU B 722 33.30 1.05 -9.08
C LEU B 722 31.92 1.62 -9.37
N ARG B 723 30.91 0.76 -9.38
CA ARG B 723 29.55 1.19 -9.67
C ARG B 723 29.03 2.11 -8.57
N THR B 724 29.53 1.92 -7.34
CA THR B 724 29.18 2.80 -6.24
C THR B 724 29.64 4.22 -6.53
N ILE B 725 30.90 4.36 -6.97
CA ILE B 725 31.44 5.65 -7.38
C ILE B 725 30.58 6.25 -8.50
N LYS B 726 30.28 5.43 -9.49
CA LYS B 726 29.47 5.83 -10.63
C LYS B 726 28.10 6.35 -10.22
N LYS B 727 27.43 5.63 -9.32
CA LYS B 727 26.08 6.00 -8.91
C LYS B 727 26.05 7.22 -7.99
N GLU B 728 27.08 7.35 -7.15
CA GLU B 728 27.15 8.50 -6.24
C GLU B 728 27.41 9.79 -7.00
N ILE B 729 28.15 9.69 -8.10
CA ILE B 729 28.40 10.85 -8.95
C ILE B 729 27.10 11.34 -9.60
N LEU B 730 26.34 10.40 -10.16
CA LEU B 730 25.05 10.72 -10.74
C LEU B 730 24.11 11.28 -9.67
N LYS B 731 24.20 10.72 -8.47
CA LYS B 731 23.36 11.13 -7.35
C LYS B 731 23.67 12.56 -6.93
N LEU B 732 24.96 12.91 -6.92
CA LEU B 732 25.38 14.26 -6.55
C LEU B 732 24.87 15.30 -7.55
N VAL B 733 25.02 15.01 -8.83
CA VAL B 733 24.57 15.90 -9.89
C VAL B 733 23.05 16.07 -9.86
N GLU B 734 22.35 14.95 -9.71
CA GLU B 734 20.90 14.96 -9.63
C GLU B 734 20.42 15.79 -8.44
N THR B 735 21.12 15.63 -7.32
CA THR B 735 20.74 16.30 -6.09
C THR B 735 20.88 17.81 -6.20
N TYR B 736 21.98 18.29 -6.77
CA TYR B 736 22.15 19.74 -6.90
C TYR B 736 21.16 20.34 -7.90
N ILE B 737 21.10 19.75 -9.09
CA ILE B 737 20.28 20.30 -10.17
C ILE B 737 18.81 20.38 -9.76
N SER B 738 18.33 19.39 -9.00
CA SER B 738 16.96 19.39 -8.54
C SER B 738 16.68 20.50 -7.52
N LYS B 739 17.74 21.03 -6.92
CA LYS B 739 17.59 22.06 -5.89
C LYS B 739 18.12 23.43 -6.35
N ALA B 740 18.63 23.50 -7.57
CA ALA B 740 19.26 24.71 -8.08
C ALA B 740 18.30 25.89 -8.17
N ARG B 741 18.77 27.07 -7.77
CA ARG B 741 18.01 28.29 -7.91
C ARG B 741 18.41 29.02 -9.20
N ASN B 742 19.71 28.99 -9.50
CA ASN B 742 20.23 29.63 -10.71
C ASN B 742 20.24 28.65 -11.88
N LEU B 743 19.22 28.75 -12.73
CA LEU B 743 19.08 27.83 -13.85
C LEU B 743 20.03 28.18 -14.99
N ASP B 744 20.48 29.43 -15.02
CA ASP B 744 21.42 29.87 -16.04
C ASP B 744 22.74 29.12 -15.91
N ASP B 745 23.29 29.08 -14.70
CA ASP B 745 24.54 28.38 -14.45
C ASP B 745 24.41 26.89 -14.69
N VAL B 746 23.22 26.34 -14.42
CA VAL B 746 22.96 24.93 -14.71
C VAL B 746 23.09 24.67 -16.21
N VAL B 747 22.42 25.49 -17.00
CA VAL B 747 22.44 25.36 -18.45
C VAL B 747 23.80 25.72 -19.05
N LYS B 748 24.33 26.88 -18.67
CA LYS B 748 25.54 27.40 -19.30
C LYS B 748 26.82 26.70 -18.84
N VAL B 749 26.81 26.12 -17.66
CA VAL B 749 28.02 25.54 -17.09
C VAL B 749 27.93 24.03 -16.84
N LEU B 750 26.81 23.58 -16.28
CA LEU B 750 26.71 22.20 -15.81
C LEU B 750 26.22 21.20 -16.87
N VAL B 751 25.14 21.55 -17.57
CA VAL B 751 24.44 20.61 -18.44
C VAL B 751 25.29 20.01 -19.57
N GLU B 752 25.92 20.87 -20.37
CA GLU B 752 26.65 20.41 -21.55
C GLU B 752 27.79 19.42 -21.23
N PRO B 753 28.63 19.71 -20.23
CA PRO B 753 29.64 18.69 -19.93
C PRO B 753 29.03 17.41 -19.36
N LEU B 754 27.95 17.56 -18.61
CA LEU B 754 27.24 16.41 -18.04
C LEU B 754 26.71 15.47 -19.12
N LEU B 755 26.04 16.06 -20.11
CA LEU B 755 25.46 15.28 -21.20
C LEU B 755 26.54 14.55 -22.00
N ASN B 756 27.58 15.28 -22.38
CA ASN B 756 28.69 14.68 -23.12
C ASN B 756 29.32 13.50 -22.39
N ALA B 757 29.48 13.65 -21.08
CA ALA B 757 30.15 12.64 -20.27
C ALA B 757 29.31 11.37 -20.10
N VAL B 758 28.05 11.52 -19.71
CA VAL B 758 27.25 10.35 -19.35
C VAL B 758 26.44 9.75 -20.50
N LEU B 759 26.02 10.56 -21.47
CA LEU B 759 25.20 10.06 -22.57
C LEU B 759 26.03 9.21 -23.52
N GLU B 760 27.22 9.69 -23.84
CA GLU B 760 28.11 8.96 -24.73
C GLU B 760 28.54 7.63 -24.11
N ASP B 761 28.86 7.68 -22.82
CA ASP B 761 29.27 6.48 -22.10
C ASP B 761 28.15 5.46 -22.04
N TYR B 762 26.95 5.94 -21.70
CA TYR B 762 25.76 5.10 -21.66
C TYR B 762 25.51 4.42 -23.01
N MET B 763 25.71 5.20 -24.08
CA MET B 763 25.46 4.72 -25.43
C MET B 763 26.42 3.61 -25.84
N ASN B 764 27.66 3.69 -25.36
CA ASN B 764 28.71 2.76 -25.75
C ASN B 764 28.92 1.62 -24.77
N ASN B 765 28.28 1.71 -23.60
CA ASN B 765 28.29 0.59 -22.65
C ASN B 765 27.57 -0.62 -23.23
N VAL B 766 28.00 -1.81 -22.84
CA VAL B 766 27.23 -3.00 -23.16
C VAL B 766 25.97 -2.99 -22.29
N PRO B 767 24.86 -3.53 -22.81
CA PRO B 767 23.55 -3.48 -22.16
C PRO B 767 23.56 -3.81 -20.66
N ASP B 768 24.35 -4.79 -20.24
CA ASP B 768 24.38 -5.18 -18.83
C ASP B 768 25.30 -4.32 -17.99
N ALA B 769 25.80 -3.23 -18.57
CA ALA B 769 26.64 -2.28 -17.84
C ALA B 769 25.96 -0.92 -17.77
N ARG B 770 24.94 -0.73 -18.61
CA ARG B 770 24.17 0.50 -18.60
C ARG B 770 23.34 0.61 -17.32
N ASP B 771 23.51 1.71 -16.60
CA ASP B 771 22.77 1.93 -15.37
C ASP B 771 21.52 2.77 -15.63
N ALA B 772 20.39 2.32 -15.09
CA ALA B 772 19.13 3.02 -15.25
C ALA B 772 19.16 4.38 -14.55
N GLU B 773 20.09 4.53 -13.61
CA GLU B 773 20.26 5.78 -12.87
C GLU B 773 20.62 6.94 -13.79
N VAL B 774 21.21 6.63 -14.94
CA VAL B 774 21.52 7.65 -15.93
C VAL B 774 20.23 8.27 -16.47
N LEU B 775 19.26 7.41 -16.78
CA LEU B 775 17.96 7.86 -17.27
C LEU B 775 17.27 8.74 -16.23
N ASN B 776 17.31 8.31 -14.97
CA ASN B 776 16.70 9.07 -13.89
C ASN B 776 17.41 10.40 -13.67
N CYS B 777 18.71 10.42 -13.89
CA CYS B 777 19.48 11.66 -13.82
C CYS B 777 19.02 12.61 -14.91
N MET B 778 18.85 12.06 -16.12
CA MET B 778 18.39 12.85 -17.26
C MET B 778 16.97 13.36 -17.06
N THR B 779 16.14 12.57 -16.39
CA THR B 779 14.77 12.98 -16.10
C THR B 779 14.75 14.22 -15.22
N THR B 780 15.64 14.25 -14.23
CA THR B 780 15.76 15.38 -13.33
C THR B 780 16.22 16.63 -14.08
N VAL B 781 17.20 16.46 -14.97
CA VAL B 781 17.72 17.56 -15.78
C VAL B 781 16.62 18.18 -16.65
N VAL B 782 15.87 17.31 -17.34
CA VAL B 782 14.82 17.77 -18.24
C VAL B 782 13.68 18.43 -17.46
N GLU B 783 13.35 17.89 -16.29
CA GLU B 783 12.29 18.47 -15.47
C GLU B 783 12.67 19.89 -15.04
N LYS B 784 13.94 20.07 -14.69
CA LYS B 784 14.40 21.34 -14.16
C LYS B 784 14.63 22.41 -15.24
N VAL B 785 15.35 22.06 -16.28
CA VAL B 785 15.75 23.04 -17.30
C VAL B 785 15.45 22.61 -18.73
N GLY B 786 14.58 21.61 -18.90
CA GLY B 786 14.26 21.09 -20.22
C GLY B 786 13.71 22.14 -21.17
N HIS B 787 13.00 23.11 -20.63
CA HIS B 787 12.43 24.19 -21.43
C HIS B 787 13.50 25.15 -21.93
N MET B 788 14.73 24.98 -21.45
CA MET B 788 15.82 25.87 -21.81
C MET B 788 16.89 25.16 -22.62
N ILE B 789 16.78 23.84 -22.78
CA ILE B 789 17.78 23.08 -23.52
C ILE B 789 17.19 22.18 -24.61
N PRO B 790 16.55 22.79 -25.63
CA PRO B 790 15.94 21.98 -26.70
C PRO B 790 16.95 21.10 -27.44
N GLN B 791 18.16 21.61 -27.63
CA GLN B 791 19.20 20.85 -28.32
C GLN B 791 19.77 19.74 -27.43
N GLY B 792 19.78 20.00 -26.12
CA GLY B 792 20.24 19.01 -25.15
C GLY B 792 19.27 17.85 -25.06
N VAL B 793 17.98 18.15 -25.15
CA VAL B 793 16.94 17.13 -25.11
C VAL B 793 17.07 16.20 -26.32
N ILE B 794 17.30 16.80 -27.49
CA ILE B 794 17.50 16.04 -28.71
C ILE B 794 18.71 15.10 -28.59
N LEU B 795 19.78 15.61 -27.99
CA LEU B 795 20.98 14.82 -27.78
C LEU B 795 20.70 13.62 -26.87
N ILE B 796 19.85 13.83 -25.87
CA ILE B 796 19.46 12.75 -24.97
C ILE B 796 18.71 11.66 -25.73
N LEU B 797 17.76 12.07 -26.57
CA LEU B 797 17.00 11.15 -27.38
C LEU B 797 17.90 10.37 -28.34
N GLN B 798 18.85 11.06 -28.97
CA GLN B 798 19.76 10.43 -29.91
C GLN B 798 20.70 9.44 -29.24
N SER B 799 20.91 9.62 -27.94
CA SER B 799 21.90 8.83 -27.22
C SER B 799 21.30 7.62 -26.51
N VAL B 800 20.07 7.75 -26.01
CA VAL B 800 19.50 6.71 -25.15
C VAL B 800 18.25 6.03 -25.69
N PHE B 801 17.53 6.65 -26.61
CA PHE B 801 16.22 6.12 -27.01
C PHE B 801 16.29 4.73 -27.61
N GLU B 802 16.92 4.61 -28.78
CA GLU B 802 16.93 3.36 -29.53
C GLU B 802 17.67 2.23 -28.80
N CYS B 803 18.80 2.56 -28.17
CA CYS B 803 19.59 1.54 -27.50
C CYS B 803 18.93 1.03 -26.23
N THR B 804 18.16 1.89 -25.56
CA THR B 804 17.41 1.46 -24.38
C THR B 804 16.15 0.72 -24.77
N LEU B 805 15.48 1.21 -25.83
CA LEU B 805 14.27 0.58 -26.32
C LEU B 805 14.54 -0.85 -26.78
N ASP B 806 15.72 -1.07 -27.37
CA ASP B 806 16.08 -2.39 -27.86
C ASP B 806 16.33 -3.36 -26.72
N MET B 807 16.58 -2.83 -25.52
CA MET B 807 16.76 -3.67 -24.33
C MET B 807 15.42 -4.12 -23.77
N ILE B 808 14.38 -3.35 -24.04
CA ILE B 808 13.09 -3.56 -23.38
C ILE B 808 11.94 -3.84 -24.34
N ASN B 809 12.25 -4.12 -25.61
CA ASN B 809 11.18 -4.40 -26.57
C ASN B 809 11.15 -5.83 -27.07
N LYS B 810 11.86 -6.72 -26.36
CA LYS B 810 11.86 -8.14 -26.71
C LYS B 810 10.81 -8.87 -25.89
N ASP B 811 10.66 -8.44 -24.64
CA ASP B 811 9.70 -9.03 -23.71
C ASP B 811 9.16 -7.95 -22.79
N PHE B 812 8.49 -8.36 -21.72
CA PHE B 812 7.92 -7.41 -20.76
C PHE B 812 8.62 -7.49 -19.41
N THR B 813 9.67 -8.31 -19.32
CA THR B 813 10.26 -8.63 -18.01
C THR B 813 11.71 -8.19 -17.81
N GLU B 814 12.51 -8.19 -18.87
CA GLU B 814 13.95 -7.92 -18.75
C GLU B 814 14.28 -6.44 -18.55
N TYR B 815 15.35 -6.19 -17.79
CA TYR B 815 15.75 -4.83 -17.42
C TYR B 815 14.58 -4.03 -16.86
N PRO B 816 14.02 -4.47 -15.72
CA PRO B 816 12.81 -3.85 -15.18
C PRO B 816 13.00 -2.39 -14.81
N GLU B 817 14.22 -2.04 -14.39
CA GLU B 817 14.52 -0.67 -13.94
C GLU B 817 14.66 0.31 -15.09
N HIS B 818 15.28 -0.13 -16.17
CA HIS B 818 15.41 0.69 -17.37
C HIS B 818 14.04 1.01 -17.96
N ARG B 819 13.16 0.02 -17.91
CA ARG B 819 11.80 0.15 -18.42
C ARG B 819 11.02 1.29 -17.75
N VAL B 820 11.05 1.29 -16.43
CA VAL B 820 10.41 2.33 -15.64
C VAL B 820 11.03 3.70 -15.89
N GLU B 821 12.35 3.78 -15.80
CA GLU B 821 13.05 5.04 -15.95
C GLU B 821 12.97 5.59 -17.37
N PHE B 822 12.90 4.70 -18.35
CA PHE B 822 12.80 5.09 -19.75
C PHE B 822 11.55 5.90 -20.04
N TYR B 823 10.41 5.41 -19.53
CA TYR B 823 9.13 6.05 -19.78
C TYR B 823 8.89 7.23 -18.85
N LYS B 824 9.62 7.27 -17.74
CA LYS B 824 9.63 8.47 -16.90
C LYS B 824 10.35 9.59 -17.64
N LEU B 825 11.47 9.25 -18.28
CA LEU B 825 12.23 10.21 -19.07
C LEU B 825 11.41 10.72 -20.26
N LEU B 826 10.76 9.79 -20.95
CA LEU B 826 9.94 10.14 -22.11
C LEU B 826 8.79 11.07 -21.72
N LYS B 827 8.23 10.86 -20.53
CA LYS B 827 7.10 11.66 -20.08
C LYS B 827 7.50 13.13 -19.87
N VAL B 828 8.62 13.36 -19.22
CA VAL B 828 9.04 14.72 -18.91
C VAL B 828 9.61 15.42 -20.16
N ILE B 829 10.20 14.64 -21.06
CA ILE B 829 10.67 15.17 -22.33
C ILE B 829 9.46 15.65 -23.14
N ASN B 830 8.40 14.84 -23.16
CA ASN B 830 7.19 15.18 -23.89
C ASN B 830 6.42 16.32 -23.23
N GLU B 831 6.53 16.41 -21.91
CA GLU B 831 5.92 17.48 -21.14
C GLU B 831 6.62 18.82 -21.35
N LYS B 832 7.93 18.83 -21.12
CA LYS B 832 8.69 20.07 -21.04
C LYS B 832 9.31 20.52 -22.36
N SER B 833 9.61 19.57 -23.25
CA SER B 833 10.31 19.90 -24.49
C SER B 833 9.80 19.14 -25.69
N PHE B 834 8.51 19.31 -25.99
CA PHE B 834 7.88 18.65 -27.13
C PHE B 834 8.46 19.13 -28.45
N ALA B 835 9.14 20.27 -28.43
CA ALA B 835 9.76 20.83 -29.62
C ALA B 835 10.79 19.89 -30.23
N ALA B 836 11.34 19.01 -29.41
CA ALA B 836 12.36 18.07 -29.84
C ALA B 836 11.83 17.07 -30.87
N PHE B 837 10.52 16.81 -30.83
CA PHE B 837 9.91 15.86 -31.75
C PHE B 837 9.54 16.51 -33.08
N LEU B 838 9.49 17.84 -33.08
CA LEU B 838 9.13 18.59 -34.28
C LEU B 838 10.29 18.67 -35.28
N GLU B 839 11.50 18.45 -34.78
CA GLU B 839 12.69 18.61 -35.61
C GLU B 839 13.23 17.25 -36.09
N LEU B 840 12.61 16.17 -35.62
CA LEU B 840 13.14 14.84 -35.86
C LEU B 840 12.44 14.10 -37.00
N PRO B 841 13.20 13.28 -37.74
CA PRO B 841 12.69 12.51 -38.88
C PRO B 841 11.54 11.58 -38.53
N PRO B 842 10.55 11.45 -39.44
CA PRO B 842 9.33 10.66 -39.29
C PRO B 842 9.56 9.23 -38.78
N ALA B 843 10.66 8.61 -39.18
CA ALA B 843 10.95 7.24 -38.78
C ALA B 843 11.16 7.13 -37.27
N ALA B 844 11.63 8.20 -36.66
CA ALA B 844 11.89 8.23 -35.23
C ALA B 844 10.64 8.58 -34.44
N PHE B 845 9.80 9.45 -35.00
CA PHE B 845 8.53 9.79 -34.38
C PHE B 845 7.64 8.54 -34.36
N LYS B 846 7.82 7.69 -35.37
CA LYS B 846 7.13 6.42 -35.46
C LYS B 846 7.58 5.48 -34.35
N LEU B 847 8.88 5.47 -34.09
CA LEU B 847 9.44 4.69 -32.99
C LEU B 847 8.92 5.18 -31.64
N PHE B 848 8.72 6.49 -31.56
CA PHE B 848 8.19 7.13 -30.36
C PHE B 848 6.75 6.67 -30.08
N VAL B 849 5.94 6.63 -31.13
CA VAL B 849 4.56 6.17 -31.02
C VAL B 849 4.52 4.68 -30.72
N ASP B 850 5.45 3.92 -31.31
CA ASP B 850 5.55 2.49 -31.05
C ASP B 850 5.91 2.21 -29.60
N ALA B 851 6.76 3.05 -29.03
CA ALA B 851 7.19 2.88 -27.64
C ALA B 851 6.05 3.14 -26.67
N ILE B 852 5.24 4.14 -26.97
CA ILE B 852 4.08 4.48 -26.15
C ILE B 852 3.09 3.33 -26.11
N CYS B 853 2.74 2.81 -27.29
CA CYS B 853 1.80 1.70 -27.40
C CYS B 853 2.37 0.44 -26.75
N TRP B 854 3.69 0.34 -26.71
CA TRP B 854 4.37 -0.79 -26.09
C TRP B 854 4.22 -0.71 -24.57
N ALA B 855 4.15 0.51 -24.05
CA ALA B 855 3.95 0.72 -22.63
C ALA B 855 2.51 0.42 -22.22
N PHE B 856 1.59 0.65 -23.15
CA PHE B 856 0.18 0.32 -22.95
C PHE B 856 -0.01 -1.15 -22.59
N LYS B 857 0.72 -2.02 -23.29
CA LYS B 857 0.49 -3.45 -23.25
C LYS B 857 1.14 -4.13 -22.05
N HIS B 858 1.79 -3.35 -21.19
CA HIS B 858 2.43 -3.91 -20.02
C HIS B 858 1.45 -4.30 -18.93
N ASN B 859 1.72 -5.43 -18.28
CA ASN B 859 1.06 -5.78 -17.03
C ASN B 859 1.94 -5.30 -15.89
N ASN B 860 2.34 -4.04 -15.97
CA ASN B 860 3.26 -3.43 -15.02
C ASN B 860 2.81 -2.00 -14.76
N ARG B 861 2.19 -1.78 -13.61
CA ARG B 861 1.62 -0.48 -13.28
C ARG B 861 2.64 0.65 -13.40
N ASP B 862 3.84 0.42 -12.91
CA ASP B 862 4.88 1.45 -12.89
C ASP B 862 5.28 1.93 -14.29
N VAL B 863 5.03 1.10 -15.30
CA VAL B 863 5.33 1.45 -16.68
C VAL B 863 4.09 1.99 -17.38
N GLU B 864 2.96 1.38 -17.08
CA GLU B 864 1.71 1.65 -17.79
C GLU B 864 1.13 3.02 -17.47
N VAL B 865 1.34 3.52 -16.25
CA VAL B 865 0.87 4.86 -15.90
C VAL B 865 1.47 5.92 -16.81
N ASN B 866 2.80 5.88 -16.95
CA ASN B 866 3.51 6.84 -17.78
C ASN B 866 3.16 6.71 -19.25
N GLY B 867 3.03 5.47 -19.72
CA GLY B 867 2.63 5.22 -21.10
C GLY B 867 1.32 5.90 -21.44
N LEU B 868 0.34 5.78 -20.54
CA LEU B 868 -0.95 6.44 -20.72
C LEU B 868 -0.80 7.95 -20.62
N GLN B 869 -0.04 8.41 -19.64
CA GLN B 869 0.15 9.84 -19.42
C GLN B 869 0.84 10.51 -20.61
N ILE B 870 1.86 9.84 -21.16
CA ILE B 870 2.56 10.32 -22.34
C ILE B 870 1.58 10.50 -23.50
N ALA B 871 0.76 9.48 -23.72
CA ALA B 871 -0.24 9.51 -24.79
C ALA B 871 -1.22 10.67 -24.60
N LEU B 872 -1.70 10.85 -23.36
CA LEU B 872 -2.57 11.96 -23.03
C LEU B 872 -1.89 13.29 -23.30
N ASP B 873 -0.65 13.43 -22.84
CA ASP B 873 0.12 14.65 -23.01
C ASP B 873 0.44 14.91 -24.49
N LEU B 874 0.70 13.84 -25.23
CA LEU B 874 1.03 13.95 -26.65
C LEU B 874 -0.14 14.51 -27.45
N VAL B 875 -1.34 13.97 -27.20
CA VAL B 875 -2.54 14.43 -27.86
C VAL B 875 -2.83 15.89 -27.49
N LYS B 876 -2.59 16.21 -26.22
CA LYS B 876 -2.75 17.58 -25.73
C LYS B 876 -1.80 18.53 -26.45
N ASN B 877 -0.56 18.07 -26.65
CA ASN B 877 0.45 18.87 -27.34
C ASN B 877 0.07 19.19 -28.78
N ILE B 878 -0.33 18.16 -29.52
CA ILE B 878 -0.64 18.32 -30.95
C ILE B 878 -1.91 19.13 -31.17
N GLU B 879 -2.93 18.87 -30.36
CA GLU B 879 -4.16 19.64 -30.39
C GLU B 879 -3.88 21.13 -30.17
N ARG B 880 -2.87 21.41 -29.34
CA ARG B 880 -2.50 22.78 -28.99
C ARG B 880 -1.92 23.53 -30.18
N MET B 881 -1.31 22.79 -31.11
CA MET B 881 -0.66 23.40 -32.28
C MET B 881 -1.68 24.00 -33.23
N GLY B 882 -2.90 23.49 -33.19
CA GLY B 882 -3.98 24.00 -34.03
C GLY B 882 -3.93 23.46 -35.45
N ASN B 883 -4.51 24.23 -36.37
CA ASN B 883 -4.53 23.82 -37.78
C ASN B 883 -3.18 24.09 -38.43
N VAL B 884 -2.29 23.11 -38.31
CA VAL B 884 -0.92 23.22 -38.79
C VAL B 884 -0.49 21.86 -39.36
N PRO B 885 0.23 21.87 -40.50
CA PRO B 885 0.65 20.67 -41.23
C PRO B 885 1.17 19.52 -40.35
N PHE B 886 1.96 19.81 -39.31
CA PHE B 886 2.46 18.75 -38.45
C PHE B 886 1.32 18.08 -37.69
N ALA B 887 0.43 18.90 -37.14
CA ALA B 887 -0.72 18.40 -36.38
C ALA B 887 -1.64 17.57 -37.28
N ASN B 888 -1.97 18.13 -38.44
CA ASN B 888 -2.85 17.47 -39.38
C ASN B 888 -2.29 16.17 -39.91
N GLU B 889 -0.98 16.12 -40.09
CA GLU B 889 -0.32 14.91 -40.58
C GLU B 889 -0.29 13.84 -39.50
N PHE B 890 -0.08 14.27 -38.26
CA PHE B 890 -0.12 13.37 -37.12
C PHE B 890 -1.48 12.67 -37.02
N HIS B 891 -2.54 13.45 -37.22
CA HIS B 891 -3.90 12.92 -37.17
C HIS B 891 -4.14 11.85 -38.22
N LYS B 892 -3.71 12.11 -39.46
CA LYS B 892 -3.83 11.13 -40.54
C LYS B 892 -3.05 9.86 -40.26
N ASN B 893 -1.88 10.02 -39.66
CA ASN B 893 -0.97 8.91 -39.45
C ASN B 893 -1.25 8.12 -38.18
N TYR B 894 -1.76 8.78 -37.14
CA TYR B 894 -1.77 8.17 -35.81
C TYR B 894 -3.07 8.25 -35.01
N PHE B 895 -4.07 8.97 -35.51
CA PHE B 895 -5.31 9.14 -34.74
C PHE B 895 -5.97 7.79 -34.42
N PHE B 896 -6.18 6.98 -35.45
CA PHE B 896 -6.86 5.71 -35.27
C PHE B 896 -5.95 4.66 -34.62
N ILE B 897 -4.64 4.88 -34.71
CA ILE B 897 -3.69 4.02 -34.03
C ILE B 897 -3.89 4.14 -32.53
N PHE B 898 -4.01 5.38 -32.04
CA PHE B 898 -4.25 5.63 -30.62
C PHE B 898 -5.65 5.21 -30.20
N VAL B 899 -6.62 5.39 -31.09
CA VAL B 899 -8.00 5.01 -30.78
C VAL B 899 -8.13 3.51 -30.58
N SER B 900 -7.59 2.74 -31.51
CA SER B 900 -7.68 1.28 -31.44
C SER B 900 -6.83 0.71 -30.31
N GLU B 901 -5.64 1.28 -30.11
CA GLU B 901 -4.75 0.81 -29.05
C GLU B 901 -5.34 1.10 -27.68
N THR B 902 -6.03 2.23 -27.54
CA THR B 902 -6.70 2.58 -26.30
C THR B 902 -7.86 1.62 -26.05
N PHE B 903 -8.62 1.33 -27.10
CA PHE B 903 -9.72 0.39 -27.00
C PHE B 903 -9.24 -1.02 -26.67
N PHE B 904 -8.01 -1.33 -27.08
CA PHE B 904 -7.46 -2.65 -26.83
C PHE B 904 -7.17 -2.87 -25.35
N VAL B 905 -6.47 -1.93 -24.73
CA VAL B 905 -6.12 -2.06 -23.31
C VAL B 905 -7.35 -1.91 -22.42
N LEU B 906 -8.35 -1.19 -22.92
CA LEU B 906 -9.62 -1.06 -22.21
C LEU B 906 -10.34 -2.40 -22.14
N THR B 907 -10.31 -3.15 -23.23
CA THR B 907 -11.03 -4.41 -23.33
C THR B 907 -10.20 -5.61 -22.92
N ASP B 908 -8.91 -5.39 -22.67
CA ASP B 908 -8.04 -6.49 -22.24
C ASP B 908 -8.22 -6.74 -20.75
N SER B 909 -7.87 -7.96 -20.32
CA SER B 909 -8.22 -8.42 -18.98
C SER B 909 -7.48 -7.70 -17.85
N ASP B 910 -6.20 -7.39 -18.04
CA ASP B 910 -5.38 -6.92 -16.94
C ASP B 910 -4.69 -5.58 -17.19
N HIS B 911 -5.49 -4.54 -17.39
CA HIS B 911 -4.97 -3.17 -17.49
C HIS B 911 -5.90 -2.22 -16.75
N LYS B 912 -6.49 -2.71 -15.66
CA LYS B 912 -7.52 -1.97 -14.93
C LYS B 912 -6.99 -0.75 -14.20
N SER B 913 -5.70 -0.75 -13.87
CA SER B 913 -5.11 0.36 -13.12
C SER B 913 -5.05 1.64 -13.95
N GLY B 914 -5.11 1.50 -15.27
CA GLY B 914 -5.06 2.65 -16.15
C GLY B 914 -6.41 3.04 -16.71
N PHE B 915 -7.47 2.41 -16.20
CA PHE B 915 -8.84 2.63 -16.71
C PHE B 915 -9.25 4.10 -16.76
N SER B 916 -8.91 4.85 -15.71
CA SER B 916 -9.25 6.26 -15.63
C SER B 916 -8.57 7.07 -16.73
N LYS B 917 -7.29 6.79 -16.96
CA LYS B 917 -6.52 7.50 -17.99
C LYS B 917 -6.95 7.07 -19.40
N GLN B 918 -7.26 5.79 -19.55
CA GLN B 918 -7.73 5.26 -20.82
C GLN B 918 -9.04 5.94 -21.23
N ALA B 919 -9.95 6.08 -20.28
CA ALA B 919 -11.23 6.73 -20.51
C ALA B 919 -11.02 8.19 -20.91
N LEU B 920 -10.15 8.87 -20.17
CA LEU B 920 -9.82 10.26 -20.46
C LEU B 920 -9.23 10.42 -21.86
N LEU B 921 -8.33 9.51 -22.21
CA LEU B 921 -7.69 9.53 -23.52
C LEU B 921 -8.72 9.32 -24.63
N LEU B 922 -9.64 8.40 -24.39
CA LEU B 922 -10.70 8.11 -25.36
C LEU B 922 -11.62 9.30 -25.51
N MET B 923 -11.98 9.93 -24.39
CA MET B 923 -12.80 11.14 -24.40
C MET B 923 -12.13 12.23 -25.23
N LYS B 924 -10.83 12.42 -24.99
CA LYS B 924 -10.05 13.44 -25.67
C LYS B 924 -10.01 13.21 -27.18
N LEU B 925 -9.78 11.95 -27.56
CA LEU B 925 -9.73 11.57 -28.97
C LEU B 925 -11.07 11.77 -29.66
N ILE B 926 -12.15 11.41 -28.97
CA ILE B 926 -13.49 11.60 -29.51
C ILE B 926 -13.82 13.08 -29.61
N SER B 927 -13.33 13.86 -28.64
CA SER B 927 -13.50 15.31 -28.65
C SER B 927 -12.92 15.95 -29.90
N LEU B 928 -11.74 15.47 -30.31
CA LEU B 928 -11.04 16.00 -31.48
C LEU B 928 -11.91 15.94 -32.74
N VAL B 929 -12.79 14.95 -32.80
CA VAL B 929 -13.64 14.76 -33.96
C VAL B 929 -15.01 15.41 -33.79
N TYR B 930 -15.67 15.11 -32.68
CA TYR B 930 -17.04 15.59 -32.46
C TYR B 930 -17.11 17.03 -31.98
N ASP B 931 -15.95 17.67 -31.85
CA ASP B 931 -15.91 19.12 -31.62
C ASP B 931 -15.26 19.80 -32.82
N ASN B 932 -15.04 19.01 -33.87
CA ASN B 932 -14.53 19.52 -35.14
C ASN B 932 -13.21 20.27 -35.00
N LYS B 933 -12.28 19.68 -34.24
CA LYS B 933 -10.98 20.29 -34.02
C LYS B 933 -9.96 19.78 -35.04
N ILE B 934 -10.33 18.71 -35.74
CA ILE B 934 -9.51 18.18 -36.83
C ILE B 934 -10.03 18.75 -38.15
N SER B 935 -9.26 19.65 -38.73
CA SER B 935 -9.69 20.40 -39.91
C SER B 935 -9.64 19.58 -41.19
N VAL B 936 -9.27 18.31 -41.08
CA VAL B 936 -8.90 17.52 -42.25
C VAL B 936 -9.50 16.11 -42.21
N PRO B 937 -9.99 15.62 -43.36
CA PRO B 937 -10.45 14.23 -43.48
C PRO B 937 -9.38 13.21 -43.07
N LEU B 938 -9.81 12.14 -42.39
CA LEU B 938 -8.90 11.14 -41.87
C LEU B 938 -8.73 9.96 -42.83
N TYR B 939 -9.60 9.87 -43.82
CA TYR B 939 -9.59 8.77 -44.77
C TYR B 939 -8.76 9.08 -46.00
N GLN B 940 -8.20 8.03 -46.61
CA GLN B 940 -7.35 8.19 -47.78
C GLN B 940 -8.11 8.76 -48.97
N GLY B 947 -17.34 14.14 -49.46
CA GLY B 947 -17.60 15.09 -48.40
C GLY B 947 -17.99 14.42 -47.10
N THR B 948 -17.64 13.16 -46.97
CA THR B 948 -17.97 12.38 -45.78
C THR B 948 -17.31 12.99 -44.54
N SER B 949 -18.13 13.29 -43.53
CA SER B 949 -17.63 13.92 -42.31
C SER B 949 -16.85 12.92 -41.46
N ASN B 950 -15.91 13.43 -40.68
CA ASN B 950 -15.06 12.57 -39.84
C ASN B 950 -15.86 11.87 -38.74
N GLN B 951 -16.97 12.46 -38.34
CA GLN B 951 -17.84 11.86 -37.32
C GLN B 951 -18.34 10.48 -37.75
N VAL B 952 -18.83 10.39 -38.98
CA VAL B 952 -19.42 9.15 -39.46
C VAL B 952 -18.38 8.14 -39.91
N TYR B 953 -17.17 8.61 -40.22
CA TYR B 953 -16.09 7.69 -40.57
C TYR B 953 -15.47 7.11 -39.31
N LEU B 954 -15.54 7.88 -38.23
CA LEU B 954 -15.09 7.40 -36.93
C LEU B 954 -16.01 6.29 -36.43
N SER B 955 -17.32 6.54 -36.49
CA SER B 955 -18.31 5.57 -36.07
C SER B 955 -18.22 4.29 -36.88
N GLN B 956 -17.97 4.44 -38.18
CA GLN B 956 -17.84 3.31 -39.09
C GLN B 956 -16.57 2.52 -38.79
N TYR B 957 -15.49 3.23 -38.49
CA TYR B 957 -14.24 2.61 -38.09
C TYR B 957 -14.42 1.81 -36.81
N LEU B 958 -15.03 2.44 -35.82
CA LEU B 958 -15.23 1.82 -34.52
C LEU B 958 -16.17 0.62 -34.59
N ALA B 959 -17.29 0.78 -35.28
CA ALA B 959 -18.26 -0.31 -35.42
C ALA B 959 -17.63 -1.52 -36.10
N ASN B 960 -16.83 -1.27 -37.13
CA ASN B 960 -16.14 -2.34 -37.83
C ASN B 960 -15.03 -2.95 -36.98
N MET B 961 -14.34 -2.10 -36.21
CA MET B 961 -13.29 -2.56 -35.33
C MET B 961 -13.85 -3.46 -34.22
N LEU B 962 -14.92 -3.01 -33.59
CA LEU B 962 -15.52 -3.74 -32.48
C LEU B 962 -16.17 -5.05 -32.94
N SER B 963 -16.84 -5.01 -34.10
CA SER B 963 -17.50 -6.20 -34.63
C SER B 963 -16.47 -7.27 -34.99
N ASN B 964 -15.32 -6.84 -35.48
CA ASN B 964 -14.24 -7.77 -35.80
C ASN B 964 -13.62 -8.39 -34.55
N ALA B 965 -13.34 -7.55 -33.57
CA ALA B 965 -12.69 -8.00 -32.34
C ALA B 965 -13.64 -8.79 -31.45
N PHE B 966 -14.93 -8.44 -31.50
CA PHE B 966 -15.93 -9.11 -30.68
C PHE B 966 -17.16 -9.48 -31.50
N PRO B 967 -17.03 -10.54 -32.33
CA PRO B 967 -18.06 -10.95 -33.28
C PRO B 967 -19.37 -11.41 -32.65
N HIS B 968 -19.35 -11.71 -31.34
CA HIS B 968 -20.54 -12.19 -30.65
C HIS B 968 -21.47 -11.04 -30.28
N LEU B 969 -21.00 -9.81 -30.45
CA LEU B 969 -21.84 -8.63 -30.22
C LEU B 969 -22.80 -8.42 -31.38
N THR B 970 -24.03 -8.04 -31.08
CA THR B 970 -24.99 -7.71 -32.11
C THR B 970 -24.69 -6.33 -32.67
N SER B 971 -25.22 -6.03 -33.85
CA SER B 971 -25.02 -4.73 -34.47
C SER B 971 -25.70 -3.64 -33.65
N GLU B 972 -26.81 -4.00 -33.00
CA GLU B 972 -27.59 -3.06 -32.22
C GLU B 972 -26.88 -2.75 -30.90
N GLN B 973 -26.15 -3.73 -30.39
CA GLN B 973 -25.31 -3.53 -29.20
C GLN B 973 -24.25 -2.47 -29.48
N ILE B 974 -23.55 -2.65 -30.60
CA ILE B 974 -22.46 -1.78 -30.99
C ILE B 974 -22.94 -0.37 -31.29
N ALA B 975 -24.01 -0.27 -32.07
CA ALA B 975 -24.58 1.03 -32.43
C ALA B 975 -25.02 1.81 -31.19
N SER B 976 -25.72 1.12 -30.28
CA SER B 976 -26.20 1.74 -29.06
C SER B 976 -25.04 2.17 -28.16
N PHE B 977 -23.97 1.39 -28.18
CA PHE B 977 -22.77 1.71 -27.40
C PHE B 977 -22.06 2.95 -27.95
N LEU B 978 -21.77 2.94 -29.25
CA LEU B 978 -21.12 4.07 -29.89
C LEU B 978 -21.98 5.33 -29.80
N SER B 979 -23.30 5.14 -29.84
CA SER B 979 -24.23 6.24 -29.72
C SER B 979 -24.04 6.95 -28.38
N ALA B 980 -24.03 6.17 -27.30
CA ALA B 980 -23.86 6.71 -25.96
C ALA B 980 -22.49 7.36 -25.81
N LEU B 981 -21.45 6.70 -26.32
CA LEU B 981 -20.08 7.16 -26.20
C LEU B 981 -19.89 8.56 -26.80
N THR B 982 -20.43 8.76 -27.99
CA THR B 982 -20.26 10.02 -28.72
C THR B 982 -21.16 11.13 -28.18
N LYS B 983 -21.98 10.80 -27.18
CA LYS B 983 -22.86 11.79 -26.56
C LYS B 983 -22.43 12.12 -25.14
N GLN B 984 -21.45 11.37 -24.62
CA GLN B 984 -21.09 11.49 -23.21
C GLN B 984 -19.61 11.83 -23.00
N TYR B 985 -18.89 12.15 -24.08
CA TYR B 985 -17.45 12.31 -24.01
C TYR B 985 -17.00 13.58 -23.26
N LYS B 986 -17.94 14.28 -22.64
CA LYS B 986 -17.61 15.47 -21.86
C LYS B 986 -17.95 15.26 -20.39
N ASP B 987 -18.70 14.19 -20.12
CA ASP B 987 -19.04 13.82 -18.75
C ASP B 987 -18.26 12.57 -18.36
N LEU B 988 -17.17 12.77 -17.64
CA LEU B 988 -16.24 11.69 -17.29
C LEU B 988 -16.91 10.55 -16.52
N VAL B 989 -17.69 10.90 -15.50
CA VAL B 989 -18.35 9.91 -14.65
C VAL B 989 -19.31 9.03 -15.45
N VAL B 990 -20.15 9.66 -16.26
CA VAL B 990 -21.10 8.94 -17.10
C VAL B 990 -20.38 8.14 -18.18
N PHE B 991 -19.36 8.76 -18.77
CA PHE B 991 -18.57 8.12 -19.82
C PHE B 991 -17.91 6.83 -19.32
N LYS B 992 -17.39 6.88 -18.10
CA LYS B 992 -16.79 5.71 -17.48
C LYS B 992 -17.82 4.60 -17.29
N GLY B 993 -19.00 4.97 -16.83
CA GLY B 993 -20.08 4.02 -16.60
C GLY B 993 -20.49 3.29 -17.87
N THR B 994 -20.47 4.00 -18.98
CA THR B 994 -20.79 3.42 -20.29
C THR B 994 -19.69 2.44 -20.71
N LEU B 995 -18.44 2.80 -20.44
CA LEU B 995 -17.31 1.93 -20.76
C LEU B 995 -17.36 0.65 -19.94
N ARG B 996 -17.68 0.77 -18.65
CA ARG B 996 -17.78 -0.40 -17.78
C ARG B 996 -18.92 -1.31 -18.24
N ASP B 997 -20.02 -0.71 -18.68
CA ASP B 997 -21.14 -1.47 -19.22
C ASP B 997 -20.69 -2.28 -20.43
N PHE B 998 -19.91 -1.64 -21.30
CA PHE B 998 -19.38 -2.31 -22.49
C PHE B 998 -18.43 -3.43 -22.09
N LEU B 999 -17.60 -3.17 -21.09
CA LEU B 999 -16.65 -4.17 -20.60
C LEU B 999 -17.38 -5.40 -20.08
N VAL B 1000 -18.51 -5.18 -19.41
CA VAL B 1000 -19.32 -6.28 -18.93
C VAL B 1000 -19.90 -7.09 -20.10
N GLN B 1001 -20.43 -6.38 -21.09
CA GLN B 1001 -21.18 -7.03 -22.17
C GLN B 1001 -20.31 -7.79 -23.17
N ILE B 1002 -19.03 -7.44 -23.28
CA ILE B 1002 -18.16 -8.14 -24.23
C ILE B 1002 -17.69 -9.49 -23.69
N LYS B 1003 -17.99 -9.76 -22.42
CA LYS B 1003 -17.60 -11.02 -21.80
C LYS B 1003 -18.77 -11.99 -21.71
N GLU B 1004 -19.94 -11.55 -22.17
CA GLU B 1004 -21.12 -12.41 -22.19
C GLU B 1004 -21.83 -12.30 -23.54
N VAL B 1005 -22.77 -13.19 -23.78
CA VAL B 1005 -23.54 -13.18 -25.03
C VAL B 1005 -24.98 -12.77 -24.75
N GLY B 1006 -25.56 -11.98 -25.65
CA GLY B 1006 -26.95 -11.58 -25.54
C GLY B 1006 -27.17 -10.41 -24.60
N GLY B 1007 -26.21 -9.48 -24.59
CA GLY B 1007 -26.32 -8.29 -23.77
C GLY B 1007 -27.42 -7.37 -24.27
N ASP B 1008 -28.19 -6.82 -23.33
CA ASP B 1008 -29.28 -5.90 -23.66
C ASP B 1008 -28.70 -4.57 -24.16
N PRO B 1009 -28.99 -4.23 -25.42
CA PRO B 1009 -28.46 -2.99 -26.03
C PRO B 1009 -29.06 -1.72 -25.43
N THR B 1010 -30.18 -1.86 -24.71
CA THR B 1010 -30.82 -0.70 -24.09
C THR B 1010 -30.12 -0.31 -22.78
N ASP B 1011 -29.15 -1.11 -22.37
CA ASP B 1011 -28.35 -0.81 -21.18
C ASP B 1011 -27.62 0.52 -21.33
N TYR B 1012 -27.26 0.86 -22.56
CA TYR B 1012 -26.48 2.05 -22.84
C TYR B 1012 -27.34 3.31 -22.85
N LEU B 1013 -28.63 3.15 -22.55
CA LEU B 1013 -29.54 4.29 -22.41
C LEU B 1013 -29.73 4.64 -20.94
N PHE B 1014 -28.88 4.06 -20.09
CA PHE B 1014 -29.03 4.20 -18.64
C PHE B 1014 -28.96 5.65 -18.16
N ALA B 1015 -28.04 6.42 -18.74
CA ALA B 1015 -27.81 7.79 -18.32
C ALA B 1015 -28.99 8.70 -18.69
N GLU B 1016 -29.59 8.45 -19.84
CA GLU B 1016 -30.61 9.35 -20.39
C GLU B 1016 -31.91 9.35 -19.60
N ASP B 1017 -32.41 8.16 -19.27
CA ASP B 1017 -33.69 8.05 -18.57
C ASP B 1017 -33.57 8.54 -17.13
N ASN C 34 17.84 30.42 34.33
CA ASN C 34 18.99 29.71 33.81
C ASN C 34 18.98 28.23 34.19
N LEU C 35 19.78 27.43 33.49
CA LEU C 35 19.80 25.99 33.74
C LEU C 35 21.22 25.46 33.95
N ASN C 36 22.06 26.26 34.59
CA ASN C 36 23.45 25.88 34.83
C ASN C 36 23.58 24.59 35.62
N GLU C 37 22.79 24.46 36.67
CA GLU C 37 22.78 23.25 37.48
C GLU C 37 22.42 22.04 36.64
N LEU C 38 21.40 22.19 35.80
CA LEU C 38 20.95 21.10 34.94
C LEU C 38 21.98 20.77 33.87
N ALA C 39 22.60 21.79 33.31
CA ALA C 39 23.64 21.61 32.29
C ALA C 39 24.84 20.85 32.88
N LEU C 40 25.18 21.18 34.12
CA LEU C 40 26.29 20.53 34.81
C LEU C 40 25.98 19.05 35.05
N LYS C 41 24.75 18.76 35.49
CA LYS C 41 24.30 17.39 35.69
C LYS C 41 24.39 16.59 34.40
N LEU C 42 23.87 17.18 33.32
CA LEU C 42 23.89 16.54 32.01
C LEU C 42 25.31 16.27 31.56
N ALA C 43 26.20 17.22 31.82
CA ALA C 43 27.60 17.09 31.44
C ALA C 43 28.25 15.90 32.13
N GLY C 44 27.74 15.53 33.28
CA GLY C 44 28.27 14.42 34.04
C GLY C 44 27.75 13.06 33.60
N LEU C 45 26.79 13.07 32.67
CA LEU C 45 26.19 11.84 32.16
C LEU C 45 27.25 10.90 31.60
N ASP C 46 27.39 9.72 32.22
CA ASP C 46 28.43 8.77 31.86
C ASP C 46 27.94 7.34 32.01
N ILE C 47 27.75 6.66 30.88
CA ILE C 47 27.23 5.30 30.88
C ILE C 47 28.32 4.26 31.18
N ASN C 48 29.55 4.73 31.38
CA ASN C 48 30.67 3.84 31.65
C ASN C 48 31.11 3.86 33.10
N LYS C 49 30.53 4.75 33.90
CA LYS C 49 30.79 4.76 35.34
C LYS C 49 30.13 3.56 35.99
N THR C 50 30.69 3.11 37.11
CA THR C 50 30.23 1.89 37.78
C THR C 50 29.70 2.19 39.18
N GLU C 51 28.81 3.17 39.26
CA GLU C 51 28.29 3.64 40.53
C GLU C 51 26.80 3.30 40.71
N GLY C 52 26.32 2.28 40.01
CA GLY C 52 24.92 1.91 39.99
C GLY C 52 24.27 1.80 41.36
N ALA D 4 3.60 -8.45 -30.55
CA ALA D 4 4.97 -7.99 -30.70
C ALA D 4 5.04 -6.46 -30.65
N PHE D 5 6.26 -5.94 -30.58
CA PHE D 5 6.50 -4.52 -30.35
C PHE D 5 5.87 -3.57 -31.37
N GLY D 6 6.03 -3.87 -32.65
CA GLY D 6 5.62 -2.94 -33.69
C GLY D 6 4.20 -3.14 -34.21
N ALA D 7 3.54 -4.19 -33.75
CA ALA D 7 2.25 -4.60 -34.33
C ALA D 7 1.05 -3.85 -33.76
N PRO D 8 0.01 -3.68 -34.60
CA PRO D 8 -1.30 -3.21 -34.13
C PRO D 8 -1.98 -4.30 -33.30
N ALA D 9 -2.41 -3.94 -32.10
CA ALA D 9 -2.95 -4.91 -31.14
C ALA D 9 -4.18 -5.64 -31.67
N PHE D 10 -5.06 -4.91 -32.37
CA PHE D 10 -6.21 -5.54 -33.01
C PHE D 10 -5.85 -6.10 -34.37
N SER E 3 20.15 5.10 -35.63
CA SER E 3 20.34 6.18 -36.59
C SER E 3 19.03 6.90 -36.88
N ALA E 4 17.92 6.30 -36.44
CA ALA E 4 16.59 6.81 -36.71
C ALA E 4 16.38 8.20 -36.13
N PHE E 5 16.99 8.47 -34.98
CA PHE E 5 16.90 9.78 -34.35
C PHE E 5 18.01 10.70 -34.85
N GLY E 6 19.00 10.09 -35.52
CA GLY E 6 20.16 10.83 -35.98
C GLY E 6 21.34 10.59 -35.06
N ALA E 7 22.55 10.65 -35.61
CA ALA E 7 23.76 10.43 -34.83
C ALA E 7 23.99 11.57 -33.86
N PRO E 8 24.37 11.24 -32.62
CA PRO E 8 24.63 12.24 -31.58
C PRO E 8 25.91 13.04 -31.83
N ALA E 9 25.85 14.34 -31.60
CA ALA E 9 27.02 15.20 -31.72
C ALA E 9 27.54 15.58 -30.34
N PHE E 10 28.61 14.92 -29.90
CA PHE E 10 29.15 15.15 -28.57
C PHE E 10 30.31 16.14 -28.57
N GLY E 11 30.28 17.08 -27.63
CA GLY E 11 31.37 18.01 -27.44
C GLY E 11 32.41 17.45 -26.49
N THR F 23 40.07 20.69 -16.40
CA THR F 23 40.34 19.47 -15.65
C THR F 23 41.77 19.47 -15.13
N THR F 24 42.03 18.64 -14.11
CA THR F 24 43.35 18.59 -13.49
C THR F 24 43.77 17.15 -13.24
N SER F 25 42.82 16.22 -13.36
CA SER F 25 43.10 14.81 -13.11
C SER F 25 43.30 14.03 -14.39
N ALA F 26 43.83 12.82 -14.26
CA ALA F 26 43.99 11.91 -15.38
C ALA F 26 43.72 10.48 -14.91
N PHE F 27 42.48 10.22 -14.48
CA PHE F 27 42.12 8.95 -13.88
C PHE F 27 42.36 7.77 -14.82
N GLY F 28 41.63 7.73 -15.93
CA GLY F 28 41.84 6.69 -16.93
C GLY F 28 41.32 5.33 -16.51
N ALA F 29 41.15 4.44 -17.48
CA ALA F 29 40.48 3.16 -17.24
C ALA F 29 41.35 1.95 -17.55
N PRO F 30 42.10 1.47 -16.54
CA PRO F 30 42.89 0.24 -16.71
C PRO F 30 42.04 -1.02 -16.56
PG GTP G . 1.26 -12.42 -9.63
O1G GTP G . -0.01 -12.70 -8.86
O2G GTP G . 2.16 -13.63 -9.63
O3G GTP G . 0.92 -12.05 -11.05
O3B GTP G . 2.03 -11.15 -8.98
PB GTP G . 2.95 -11.26 -7.66
O1B GTP G . 2.17 -10.77 -6.46
O2B GTP G . 3.45 -12.66 -7.42
O3A GTP G . 4.17 -10.24 -7.95
PA GTP G . 5.70 -10.70 -7.83
O1A GTP G . 6.01 -11.80 -8.82
O2A GTP G . 6.01 -11.13 -6.42
O5' GTP G . 6.52 -9.37 -8.19
C5' GTP G . 6.13 -8.14 -7.62
C4' GTP G . 7.07 -7.04 -8.08
O4' GTP G . 7.13 -6.08 -7.05
C3' GTP G . 8.46 -7.58 -8.29
O3' GTP G . 9.04 -6.91 -9.40
C2' GTP G . 9.21 -7.18 -7.04
O2' GTP G . 10.56 -6.86 -7.34
C1' GTP G . 8.45 -5.97 -6.53
N9 GTP G . 8.37 -5.98 -5.06
C8 GTP G . 7.95 -7.01 -4.27
N7 GTP G . 8.02 -6.62 -2.98
C5 GTP G . 8.46 -5.34 -2.94
C6 GTP G . 8.70 -4.46 -1.89
O6 GTP G . 8.51 -4.81 -0.73
N1 GTP G . 9.16 -3.18 -2.17
C2 GTP G . 9.37 -2.79 -3.48
N2 GTP G . 9.82 -1.57 -3.75
N3 GTP G . 9.13 -3.67 -4.51
C4 GTP G . 8.69 -4.93 -4.24
MG MG H . 3.26 -14.53 -8.28
#